data_9GVL
#
_entry.id   9GVL
#
_cell.length_a   66.159
_cell.length_b   83.719
_cell.length_c   70.264
_cell.angle_alpha   90
_cell.angle_beta   113.8
_cell.angle_gamma   90
#
_symmetry.space_group_name_H-M   'P 1 21 1'
#
loop_
_entity.id
_entity.type
_entity.pdbx_description
1 polymer 'Interferon alpha-2'
2 polymer 'scFv type-I interferons autoantibody pmab15'
3 non-polymer GLYCEROL
4 non-polymer 'SULFATE ION'
5 water water
#
loop_
_entity_poly.entity_id
_entity_poly.type
_entity_poly.pdbx_seq_one_letter_code
_entity_poly.pdbx_strand_id
1 'polypeptide(L)'
;CDLPQTHSLGSRRTLMLLAQMRRISLFSCLKDRHDFGFPQEEFGNQFQKAETIPVLHEMIQQIFNLFSTKDSSAAWDETL
LDKFYTELYQQLNDLEACVIQGVGVTETPLMKEDSILAVRKYFQRITLYLKEKKYSPCAWEVVRAEIMRSFSLSTNLQES
LRSKEGGGGSLVPRGSGGGSHHHHHHHH
;
A,B
2 'polypeptide(L)'
;RSEVQLVESGGDLVQPGGSLRLSCAASGFTFSGYAMAWVRQAPGKEMQWVSSISDDGGTSYYADSVEGRFTVSRDNSRSS
LYLQINNLRAGDTAVYHCARDHGGNDYGDFGHFDLWGRGTLVTVSSGTGGSGGGGSGGGGSGGGASEIVLTQSPGTLSLS
PGEGATLSCRASQRVSNNYLAWYQHRPGQAPRLLIYGASSRATGIPDRFRGSGSGTDFTLTISRLEPEDFAVYFCQQYGS
APPWTFGQGTKVEIKGPFEDDDDKAGWSHPQFEKGGGSGGGSGGGSWSHPQFEK
;
H,I
#
loop_
_chem_comp.id
_chem_comp.type
_chem_comp.name
_chem_comp.formula
GOL non-polymer GLYCEROL 'C3 H8 O3'
SO4 non-polymer 'SULFATE ION' 'O4 S -2'
#
# COMPACT_ATOMS: atom_id res chain seq x y z
N SER A 8 -11.15 -11.66 23.42
CA SER A 8 -10.67 -10.35 23.91
C SER A 8 -9.67 -10.51 25.07
N LEU A 9 -10.00 -11.34 26.06
CA LEU A 9 -9.09 -11.61 27.18
C LEU A 9 -8.00 -12.62 26.75
N GLY A 10 -8.40 -13.61 25.94
CA GLY A 10 -7.49 -14.57 25.35
C GLY A 10 -6.55 -13.95 24.33
N SER A 11 -6.93 -12.79 23.78
CA SER A 11 -6.11 -12.03 22.85
C SER A 11 -4.98 -11.34 23.63
N ARG A 12 -5.31 -10.79 24.82
CA ARG A 12 -4.34 -10.12 25.68
C ARG A 12 -3.31 -11.11 26.27
N ARG A 13 -3.73 -12.34 26.52
CA ARG A 13 -2.85 -13.38 27.05
C ARG A 13 -1.86 -13.86 25.99
N THR A 14 -2.25 -13.84 24.70
CA THR A 14 -1.39 -14.19 23.58
C THR A 14 -0.25 -13.16 23.45
N LEU A 15 -0.58 -11.86 23.54
CA LEU A 15 0.39 -10.77 23.47
C LEU A 15 1.33 -10.80 24.68
N MET A 16 0.82 -11.17 25.85
CA MET A 16 1.63 -11.26 27.06
C MET A 16 2.67 -12.38 26.90
N LEU A 17 2.29 -13.52 26.33
CA LEU A 17 3.20 -14.64 26.12
C LEU A 17 4.21 -14.32 25.01
N LEU A 18 3.81 -13.57 23.98
CA LEU A 18 4.72 -13.17 22.91
C LEU A 18 5.80 -12.22 23.45
N ALA A 19 5.41 -11.31 24.35
CA ALA A 19 6.30 -10.37 25.02
C ALA A 19 7.22 -11.12 26.00
N GLN A 20 6.70 -12.13 26.68
CA GLN A 20 7.50 -12.95 27.60
C GLN A 20 8.49 -13.82 26.84
N MET A 21 8.17 -14.21 25.59
CA MET A 21 9.05 -15.00 24.74
C MET A 21 10.32 -14.22 24.36
N ARG A 22 10.28 -12.88 24.31
CA ARG A 22 11.42 -12.02 23.95
C ARG A 22 12.73 -12.44 24.63
N ARG A 23 13.80 -12.62 23.84
CA ARG A 23 15.11 -13.00 24.40
C ARG A 23 16.08 -11.82 24.37
N ILE A 24 16.06 -11.03 23.29
CA ILE A 24 16.94 -9.89 23.13
C ILE A 24 16.15 -8.62 22.78
N SER A 25 16.77 -7.44 22.92
CA SER A 25 16.14 -6.18 22.55
C SER A 25 16.21 -5.98 21.05
N LEU A 26 15.12 -5.44 20.46
CA LEU A 26 15.16 -5.12 19.04
C LEU A 26 16.18 -3.98 18.77
N PHE A 27 16.60 -3.20 19.81
CA PHE A 27 17.61 -2.16 19.64
C PHE A 27 18.92 -2.75 19.11
N SER A 28 19.22 -4.01 19.45
CA SER A 28 20.43 -4.69 18.96
C SER A 28 20.29 -5.16 17.49
N CYS A 29 19.08 -5.09 16.92
CA CYS A 29 18.71 -5.61 15.61
C CYS A 29 18.11 -4.58 14.69
N LEU A 30 18.31 -3.29 14.95
CA LEU A 30 17.69 -2.25 14.15
C LEU A 30 18.06 -2.32 12.67
N LYS A 31 19.29 -2.78 12.35
CA LYS A 31 19.70 -2.93 10.94
C LYS A 31 18.93 -4.06 10.23
N ASP A 32 18.35 -5.00 11.00
CA ASP A 32 17.57 -6.12 10.48
C ASP A 32 16.09 -5.79 10.31
N ARG A 33 15.65 -4.53 10.53
CA ARG A 33 14.24 -4.18 10.34
C ARG A 33 13.81 -4.43 8.89
N HIS A 34 12.57 -4.77 8.69
CA HIS A 34 12.05 -5.11 7.37
C HIS A 34 10.57 -4.81 7.33
N ASP A 35 10.07 -4.30 6.19
CA ASP A 35 8.64 -4.05 6.05
C ASP A 35 7.93 -5.29 5.51
N PHE A 36 7.13 -5.94 6.35
CA PHE A 36 6.42 -7.15 5.94
C PHE A 36 5.10 -6.87 5.18
N GLY A 37 4.69 -5.61 5.09
CA GLY A 37 3.51 -5.17 4.35
C GLY A 37 2.20 -5.77 4.81
N PHE A 38 2.00 -5.85 6.13
CA PHE A 38 0.77 -6.39 6.69
C PHE A 38 -0.47 -5.68 6.17
N PRO A 39 -1.44 -6.43 5.59
CA PRO A 39 -2.67 -5.79 5.09
C PRO A 39 -3.54 -5.40 6.29
N GLN A 40 -3.29 -4.20 6.79
CA GLN A 40 -3.88 -3.64 8.00
C GLN A 40 -5.42 -3.51 7.99
N GLU A 41 -6.00 -3.01 6.88
CA GLU A 41 -7.44 -2.78 6.85
C GLU A 41 -8.28 -4.03 6.54
N GLU A 42 -7.74 -5.22 6.81
CA GLU A 42 -8.51 -6.46 6.66
C GLU A 42 -9.34 -6.77 7.95
N PHE A 43 -9.12 -5.97 9.04
CA PHE A 43 -9.79 -6.08 10.35
C PHE A 43 -10.15 -4.67 10.82
N ALA A 50 -17.75 -7.85 9.95
CA ALA A 50 -18.45 -9.09 10.27
C ALA A 50 -17.75 -10.33 9.71
N GLU A 51 -17.33 -10.33 8.43
CA GLU A 51 -16.62 -11.47 7.83
C GLU A 51 -15.18 -11.61 8.30
N THR A 52 -14.85 -11.03 9.47
CA THR A 52 -13.53 -11.06 10.07
C THR A 52 -13.15 -12.41 10.67
N ILE A 53 -14.13 -13.29 10.91
CA ILE A 53 -13.89 -14.60 11.50
C ILE A 53 -12.95 -15.46 10.63
N PRO A 54 -13.23 -15.76 9.33
CA PRO A 54 -12.29 -16.59 8.56
C PRO A 54 -10.90 -15.96 8.34
N VAL A 55 -10.80 -14.62 8.42
CA VAL A 55 -9.52 -13.94 8.24
C VAL A 55 -8.69 -14.07 9.53
N LEU A 56 -9.34 -13.84 10.67
CA LEU A 56 -8.74 -13.96 11.99
C LEU A 56 -8.35 -15.41 12.28
N HIS A 57 -9.18 -16.35 11.82
CA HIS A 57 -8.96 -17.77 11.94
C HIS A 57 -7.68 -18.17 11.20
N GLU A 58 -7.49 -17.64 9.95
CA GLU A 58 -6.32 -17.87 9.13
C GLU A 58 -5.07 -17.28 9.78
N MET A 59 -5.20 -16.08 10.36
CA MET A 59 -4.13 -15.37 11.06
C MET A 59 -3.58 -16.23 12.23
N ILE A 60 -4.48 -16.80 13.06
CA ILE A 60 -4.09 -17.60 14.22
C ILE A 60 -3.41 -18.90 13.79
N GLN A 61 -3.92 -19.52 12.73
CA GLN A 61 -3.35 -20.77 12.23
C GLN A 61 -1.97 -20.51 11.68
N GLN A 62 -1.80 -19.39 10.93
CA GLN A 62 -0.50 -19.03 10.38
C GLN A 62 0.48 -18.67 11.47
N ILE A 63 0.03 -18.03 12.55
CA ILE A 63 0.90 -17.71 13.69
C ILE A 63 1.37 -19.01 14.33
N PHE A 64 0.44 -19.97 14.52
CA PHE A 64 0.75 -21.30 15.02
C PHE A 64 1.77 -21.99 14.10
N ASN A 65 1.51 -22.02 12.79
CA ASN A 65 2.42 -22.64 11.81
C ASN A 65 3.83 -22.06 11.91
N LEU A 66 3.94 -20.73 11.97
CA LEU A 66 5.21 -20.03 12.07
C LEU A 66 5.94 -20.38 13.37
N PHE A 67 5.20 -20.45 14.49
CA PHE A 67 5.83 -20.69 15.78
C PHE A 67 5.89 -22.17 16.19
N SER A 68 5.51 -23.11 15.30
CA SER A 68 5.59 -24.53 15.64
C SER A 68 6.58 -25.32 14.76
N THR A 69 7.44 -24.65 13.98
CA THR A 69 8.45 -25.35 13.18
C THR A 69 9.64 -25.80 14.05
N LYS A 70 10.56 -26.63 13.52
CA LYS A 70 11.75 -27.03 14.25
C LYS A 70 12.62 -25.80 14.54
N ASP A 71 12.66 -24.86 13.59
CA ASP A 71 13.38 -23.59 13.71
C ASP A 71 12.86 -22.74 14.89
N SER A 72 11.52 -22.65 15.03
CA SER A 72 10.93 -21.89 16.14
C SER A 72 11.20 -22.58 17.48
N SER A 73 11.21 -23.92 17.50
CA SER A 73 11.49 -24.67 18.71
C SER A 73 12.90 -24.37 19.22
N ALA A 74 13.86 -24.22 18.29
CA ALA A 74 15.23 -23.89 18.61
C ALA A 74 15.36 -22.47 19.11
N ALA A 75 14.64 -21.51 18.50
CA ALA A 75 14.74 -20.09 18.82
C ALA A 75 13.98 -19.64 20.06
N TRP A 76 12.95 -20.38 20.50
CA TRP A 76 12.14 -19.92 21.64
C TRP A 76 12.02 -20.94 22.77
N ASP A 77 11.68 -20.45 23.98
CA ASP A 77 11.50 -21.31 25.15
C ASP A 77 10.30 -22.24 24.89
N GLU A 78 10.49 -23.56 24.98
CA GLU A 78 9.42 -24.53 24.73
C GLU A 78 8.25 -24.42 25.67
N THR A 79 8.51 -24.13 26.94
CA THR A 79 7.47 -23.94 27.93
C THR A 79 6.51 -22.81 27.54
N LEU A 80 7.04 -21.65 27.12
CA LEU A 80 6.19 -20.53 26.70
C LEU A 80 5.52 -20.80 25.38
N LEU A 81 6.18 -21.54 24.48
CA LEU A 81 5.60 -21.89 23.19
C LEU A 81 4.35 -22.76 23.34
N ASP A 82 4.32 -23.64 24.34
CA ASP A 82 3.13 -24.50 24.55
C ASP A 82 1.95 -23.72 25.10
N LYS A 83 2.20 -22.82 26.04
CA LYS A 83 1.16 -21.94 26.56
C LYS A 83 0.65 -21.03 25.42
N PHE A 84 1.56 -20.57 24.54
CA PHE A 84 1.26 -19.76 23.36
C PHE A 84 0.36 -20.54 22.39
N TYR A 85 0.70 -21.80 22.02
CA TYR A 85 -0.18 -22.63 21.15
C TYR A 85 -1.54 -22.84 21.81
N THR A 86 -1.55 -23.04 23.12
CA THR A 86 -2.80 -23.26 23.85
C THR A 86 -3.70 -22.05 23.77
N GLU A 87 -3.10 -20.85 23.86
CA GLU A 87 -3.83 -19.60 23.78
C GLU A 87 -4.35 -19.32 22.38
N LEU A 88 -3.54 -19.62 21.35
CA LEU A 88 -3.99 -19.51 19.96
C LEU A 88 -5.18 -20.50 19.71
N TYR A 89 -5.08 -21.74 20.28
CA TYR A 89 -6.12 -22.75 20.14
C TYR A 89 -7.39 -22.28 20.82
N GLN A 90 -7.27 -21.69 22.03
CA GLN A 90 -8.42 -21.20 22.77
C GLN A 90 -9.21 -20.17 21.97
N GLN A 91 -8.50 -19.31 21.25
CA GLN A 91 -9.12 -18.29 20.41
C GLN A 91 -9.83 -18.89 19.21
N LEU A 92 -9.27 -19.96 18.64
CA LEU A 92 -9.91 -20.65 17.53
C LEU A 92 -11.22 -21.29 17.99
N ASN A 93 -11.27 -21.83 19.24
CA ASN A 93 -12.49 -22.42 19.77
C ASN A 93 -13.60 -21.40 19.84
N ASP A 94 -13.29 -20.19 20.27
CA ASP A 94 -14.27 -19.13 20.39
C ASP A 94 -14.83 -18.76 19.04
N LEU A 95 -13.96 -18.59 18.04
CA LEU A 95 -14.39 -18.26 16.68
C LEU A 95 -15.31 -19.34 16.11
N GLU A 96 -15.00 -20.60 16.39
CA GLU A 96 -15.80 -21.72 15.88
C GLU A 96 -17.00 -22.03 16.78
N GLU A 113 -12.49 -15.04 -0.57
CA GLU A 113 -11.27 -15.74 -0.16
C GLU A 113 -9.98 -14.97 -0.44
N ASP A 114 -10.07 -13.73 -0.96
CA ASP A 114 -8.90 -12.91 -1.26
C ASP A 114 -8.18 -12.47 0.03
N SER A 115 -8.94 -12.29 1.12
CA SER A 115 -8.40 -11.86 2.41
C SER A 115 -7.46 -12.92 2.97
N ILE A 116 -7.88 -14.20 2.93
CA ILE A 116 -7.09 -15.33 3.42
C ILE A 116 -5.78 -15.43 2.64
N LEU A 117 -5.85 -15.23 1.32
CA LEU A 117 -4.68 -15.27 0.45
C LEU A 117 -3.65 -14.20 0.82
N ALA A 118 -4.10 -12.95 1.09
CA ALA A 118 -3.22 -11.85 1.49
C ALA A 118 -2.52 -12.18 2.82
N VAL A 119 -3.25 -12.83 3.75
CA VAL A 119 -2.68 -13.23 5.03
C VAL A 119 -1.62 -14.31 4.77
N ARG A 120 -1.93 -15.29 3.93
CA ARG A 120 -1.00 -16.36 3.58
C ARG A 120 0.25 -15.78 2.91
N LYS A 121 0.10 -14.83 1.99
CA LYS A 121 1.23 -14.17 1.33
C LYS A 121 2.10 -13.42 2.33
N TYR A 122 1.46 -12.78 3.32
CA TYR A 122 2.14 -12.06 4.37
C TYR A 122 3.06 -13.00 5.19
N PHE A 123 2.53 -14.17 5.62
CA PHE A 123 3.35 -15.15 6.36
C PHE A 123 4.43 -15.79 5.48
N GLN A 124 4.22 -15.84 4.14
CA GLN A 124 5.26 -16.34 3.24
C GLN A 124 6.44 -15.35 3.24
N ARG A 125 6.15 -14.05 3.28
CA ARG A 125 7.19 -13.03 3.32
C ARG A 125 7.96 -13.13 4.63
N ILE A 126 7.28 -13.45 5.75
CA ILE A 126 7.97 -13.61 7.04
C ILE A 126 8.91 -14.81 6.97
N THR A 127 8.41 -15.93 6.41
CA THR A 127 9.19 -17.15 6.26
C THR A 127 10.40 -16.94 5.34
N LEU A 128 10.20 -16.23 4.22
CA LEU A 128 11.28 -15.97 3.28
C LEU A 128 12.35 -15.14 3.91
N TYR A 129 11.94 -14.10 4.70
CA TYR A 129 12.85 -13.22 5.43
C TYR A 129 13.68 -14.04 6.40
N LEU A 130 13.04 -14.92 7.18
CA LEU A 130 13.71 -15.76 8.15
C LEU A 130 14.72 -16.68 7.50
N LYS A 131 14.38 -17.22 6.31
CA LYS A 131 15.28 -18.12 5.60
C LYS A 131 16.48 -17.35 5.10
N GLU A 132 16.26 -16.20 4.45
CA GLU A 132 17.33 -15.34 3.96
C GLU A 132 18.27 -14.91 5.08
N LYS A 133 17.72 -14.64 6.28
CA LYS A 133 18.49 -14.21 7.44
C LYS A 133 19.04 -15.36 8.30
N LYS A 134 18.94 -16.60 7.79
CA LYS A 134 19.40 -17.84 8.40
C LYS A 134 18.91 -18.07 9.84
N TYR A 135 17.67 -17.66 10.12
CA TYR A 135 17.02 -17.82 11.42
C TYR A 135 17.84 -17.27 12.58
N SER A 136 18.47 -16.13 12.37
CA SER A 136 19.31 -15.50 13.39
C SER A 136 18.44 -14.96 14.53
N PRO A 137 19.01 -14.80 15.74
CA PRO A 137 18.24 -14.23 16.85
C PRO A 137 17.67 -12.85 16.53
N CYS A 138 18.37 -12.05 15.74
CA CYS A 138 17.88 -10.72 15.37
C CYS A 138 16.75 -10.79 14.37
N ALA A 139 16.83 -11.72 13.39
CA ALA A 139 15.73 -11.91 12.45
C ALA A 139 14.48 -12.40 13.20
N TRP A 140 14.67 -13.27 14.20
CA TRP A 140 13.58 -13.80 15.02
C TRP A 140 12.95 -12.74 15.92
N GLU A 141 13.76 -11.79 16.40
CA GLU A 141 13.26 -10.72 17.23
C GLU A 141 12.46 -9.74 16.40
N VAL A 142 12.92 -9.44 15.17
CA VAL A 142 12.19 -8.59 14.22
C VAL A 142 10.82 -9.25 13.90
N VAL A 143 10.81 -10.56 13.65
CA VAL A 143 9.57 -11.28 13.37
C VAL A 143 8.64 -11.32 14.60
N ARG A 144 9.19 -11.55 15.81
CA ARG A 144 8.38 -11.58 17.03
C ARG A 144 7.69 -10.26 17.25
N ALA A 145 8.45 -9.13 17.11
CA ALA A 145 7.90 -7.80 17.28
C ALA A 145 6.90 -7.49 16.16
N GLU A 146 7.14 -7.98 14.95
CA GLU A 146 6.21 -7.78 13.83
C GLU A 146 4.87 -8.48 14.14
N ILE A 147 4.92 -9.71 14.66
CA ILE A 147 3.71 -10.45 15.02
C ILE A 147 3.00 -9.77 16.18
N MET A 148 3.74 -9.19 17.15
CA MET A 148 3.14 -8.41 18.25
C MET A 148 2.24 -7.30 17.67
N ARG A 149 2.72 -6.61 16.65
CA ARG A 149 1.97 -5.54 16.02
C ARG A 149 0.79 -6.05 15.18
N SER A 150 1.02 -6.96 14.23
CA SER A 150 -0.05 -7.44 13.37
C SER A 150 -1.13 -8.27 14.10
N PHE A 151 -0.76 -8.93 15.19
CA PHE A 151 -1.75 -9.70 15.95
C PHE A 151 -2.64 -8.74 16.72
N SER A 152 -2.03 -7.75 17.39
CA SER A 152 -2.82 -6.77 18.14
C SER A 152 -3.72 -5.98 17.20
N LEU A 153 -3.25 -5.68 15.98
CA LEU A 153 -4.06 -4.99 14.99
C LEU A 153 -5.27 -5.83 14.59
N SER A 154 -5.05 -7.13 14.32
CA SER A 154 -6.12 -8.01 13.91
C SER A 154 -7.14 -8.23 15.03
N THR A 155 -6.67 -8.26 16.30
CA THR A 155 -7.58 -8.44 17.41
C THR A 155 -8.10 -7.15 18.03
N ASN A 156 -7.80 -5.97 17.43
CA ASN A 156 -8.27 -4.66 17.92
C ASN A 156 -7.80 -4.31 19.35
N SER B 8 -21.72 -26.70 -4.20
CA SER B 8 -20.75 -25.74 -3.67
C SER B 8 -19.30 -26.14 -3.96
N LEU B 9 -18.92 -27.38 -3.62
CA LEU B 9 -17.57 -27.88 -3.93
C LEU B 9 -17.49 -28.31 -5.39
N GLY B 10 -18.58 -28.85 -5.94
CA GLY B 10 -18.69 -29.21 -7.35
C GLY B 10 -18.68 -27.98 -8.25
N SER B 11 -19.07 -26.81 -7.70
CA SER B 11 -19.05 -25.53 -8.41
C SER B 11 -17.58 -25.07 -8.53
N ARG B 12 -16.80 -25.22 -7.44
CA ARG B 12 -15.40 -24.83 -7.41
C ARG B 12 -14.55 -25.73 -8.30
N ARG B 13 -14.92 -27.03 -8.45
CA ARG B 13 -14.22 -27.96 -9.32
C ARG B 13 -14.46 -27.64 -10.80
N THR B 14 -15.64 -27.08 -11.13
CA THR B 14 -15.97 -26.65 -12.49
C THR B 14 -15.08 -25.45 -12.89
N LEU B 15 -14.93 -24.46 -11.99
CA LEU B 15 -14.09 -23.28 -12.23
C LEU B 15 -12.61 -23.68 -12.32
N MET B 16 -12.19 -24.64 -11.51
CA MET B 16 -10.81 -25.12 -11.54
C MET B 16 -10.50 -25.79 -12.88
N LEU B 17 -11.44 -26.54 -13.44
CA LEU B 17 -11.26 -27.19 -14.74
C LEU B 17 -11.30 -26.18 -15.88
N LEU B 18 -12.15 -25.14 -15.76
CA LEU B 18 -12.22 -24.10 -16.77
C LEU B 18 -10.91 -23.31 -16.81
N ALA B 19 -10.30 -23.06 -15.63
CA ALA B 19 -9.02 -22.38 -15.52
C ALA B 19 -7.89 -23.27 -16.05
N GLN B 20 -7.98 -24.59 -15.80
CA GLN B 20 -7.00 -25.54 -16.31
C GLN B 20 -7.09 -25.68 -17.83
N MET B 21 -8.28 -25.45 -18.42
CA MET B 21 -8.48 -25.55 -19.86
C MET B 21 -7.74 -24.45 -20.63
N ARG B 22 -7.48 -23.30 -19.98
CA ARG B 22 -6.78 -22.17 -20.59
C ARG B 22 -5.50 -22.59 -21.37
N ARG B 23 -5.41 -22.21 -22.64
CA ARG B 23 -4.27 -22.55 -23.47
C ARG B 23 -3.34 -21.33 -23.66
N ILE B 24 -3.94 -20.14 -23.86
CA ILE B 24 -3.24 -18.89 -24.07
C ILE B 24 -3.74 -17.81 -23.11
N SER B 25 -2.96 -16.73 -22.94
CA SER B 25 -3.38 -15.65 -22.05
C SER B 25 -4.37 -14.75 -22.76
N LEU B 26 -5.37 -14.22 -22.04
CA LEU B 26 -6.29 -13.26 -22.64
C LEU B 26 -5.54 -11.95 -22.98
N PHE B 27 -4.37 -11.68 -22.37
CA PHE B 27 -3.57 -10.51 -22.70
C PHE B 27 -3.19 -10.51 -24.20
N SER B 28 -3.02 -11.70 -24.81
CA SER B 28 -2.71 -11.81 -26.22
C SER B 28 -3.92 -11.56 -27.14
N CYS B 29 -5.13 -11.49 -26.56
CA CYS B 29 -6.44 -11.40 -27.24
C CYS B 29 -7.27 -10.21 -26.83
N LEU B 30 -6.66 -9.19 -26.26
CA LEU B 30 -7.41 -8.04 -25.78
C LEU B 30 -8.19 -7.33 -26.89
N LYS B 31 -7.70 -7.34 -28.13
CA LYS B 31 -8.42 -6.72 -29.24
C LYS B 31 -9.72 -7.49 -29.57
N ASP B 32 -9.79 -8.79 -29.20
CA ASP B 32 -10.95 -9.64 -29.42
C ASP B 32 -11.98 -9.57 -28.30
N ARG B 33 -11.84 -8.65 -27.31
CA ARG B 33 -12.84 -8.56 -26.24
C ARG B 33 -14.23 -8.21 -26.79
N HIS B 34 -15.29 -8.67 -26.15
CA HIS B 34 -16.66 -8.46 -26.64
C HIS B 34 -17.63 -8.46 -25.48
N ASP B 35 -18.66 -7.61 -25.53
CA ASP B 35 -19.66 -7.58 -24.48
C ASP B 35 -20.80 -8.58 -24.77
N PHE B 36 -20.85 -9.66 -23.99
CA PHE B 36 -21.88 -10.67 -24.15
C PHE B 36 -23.20 -10.36 -23.44
N GLY B 37 -23.23 -9.30 -22.64
CA GLY B 37 -24.42 -8.84 -21.94
C GLY B 37 -25.04 -9.84 -20.99
N PHE B 38 -24.22 -10.55 -20.18
CA PHE B 38 -24.74 -11.50 -19.20
C PHE B 38 -25.79 -10.88 -18.27
N PRO B 39 -27.00 -11.47 -18.21
CA PRO B 39 -28.03 -10.92 -17.32
C PRO B 39 -27.67 -11.24 -15.88
N GLN B 40 -26.82 -10.38 -15.27
CA GLN B 40 -26.29 -10.54 -13.92
C GLN B 40 -27.38 -10.57 -12.83
N GLU B 41 -28.39 -9.69 -12.92
CA GLU B 41 -29.45 -9.61 -11.94
C GLU B 41 -30.54 -10.70 -12.09
N GLU B 42 -30.17 -11.91 -12.50
CA GLU B 42 -31.11 -13.03 -12.62
C GLU B 42 -30.99 -13.89 -11.36
N ALA B 50 -36.54 -19.01 -3.69
CA ALA B 50 -35.32 -19.09 -4.48
C ALA B 50 -35.51 -19.93 -5.75
N GLU B 51 -36.22 -19.37 -6.74
CA GLU B 51 -36.43 -20.07 -8.01
C GLU B 51 -35.19 -20.01 -8.92
N THR B 52 -34.00 -19.94 -8.31
CA THR B 52 -32.72 -19.92 -9.00
C THR B 52 -32.30 -21.30 -9.52
N ILE B 53 -32.95 -22.38 -9.04
CA ILE B 53 -32.63 -23.74 -9.48
C ILE B 53 -32.87 -23.91 -11.00
N PRO B 54 -34.06 -23.63 -11.59
CA PRO B 54 -34.19 -23.81 -13.06
C PRO B 54 -33.34 -22.85 -13.90
N VAL B 55 -32.89 -21.72 -13.33
CA VAL B 55 -32.02 -20.78 -14.07
C VAL B 55 -30.59 -21.34 -14.08
N LEU B 56 -30.13 -21.79 -12.91
CA LEU B 56 -28.81 -22.40 -12.74
C LEU B 56 -28.72 -23.71 -13.54
N HIS B 57 -29.82 -24.48 -13.59
CA HIS B 57 -29.96 -25.72 -14.35
C HIS B 57 -29.76 -25.42 -15.84
N GLU B 58 -30.38 -24.32 -16.34
CA GLU B 58 -30.27 -23.90 -17.73
C GLU B 58 -28.86 -23.47 -18.07
N MET B 59 -28.23 -22.74 -17.15
CA MET B 59 -26.86 -22.25 -17.25
C MET B 59 -25.90 -23.43 -17.46
N ILE B 60 -26.00 -24.49 -16.64
CA ILE B 60 -25.15 -25.68 -16.72
C ILE B 60 -25.36 -26.45 -18.03
N GLN B 61 -26.61 -26.58 -18.46
CA GLN B 61 -26.92 -27.27 -19.71
C GLN B 61 -26.35 -26.51 -20.87
N GLN B 62 -26.49 -25.17 -20.86
CA GLN B 62 -25.96 -24.33 -21.93
C GLN B 62 -24.46 -24.34 -21.96
N ILE B 63 -23.80 -24.41 -20.79
CA ILE B 63 -22.35 -24.48 -20.73
C ILE B 63 -21.90 -25.79 -21.35
N PHE B 64 -22.61 -26.90 -21.03
CA PHE B 64 -22.37 -28.21 -21.63
C PHE B 64 -22.54 -28.12 -23.15
N ASN B 65 -23.68 -27.56 -23.63
CA ASN B 65 -23.95 -27.42 -25.06
C ASN B 65 -22.84 -26.68 -25.78
N LEU B 66 -22.39 -25.54 -25.22
CA LEU B 66 -21.33 -24.71 -25.76
C LEU B 66 -20.00 -25.46 -25.83
N PHE B 67 -19.66 -26.19 -24.75
CA PHE B 67 -18.38 -26.87 -24.68
C PHE B 67 -18.40 -28.32 -25.23
N SER B 68 -19.53 -28.77 -25.81
CA SER B 68 -19.57 -30.13 -26.35
C SER B 68 -19.77 -30.21 -27.84
N THR B 69 -19.61 -29.08 -28.57
CA THR B 69 -19.72 -29.14 -30.03
C THR B 69 -18.43 -29.74 -30.65
N LYS B 70 -18.45 -30.03 -31.96
CA LYS B 70 -17.24 -30.49 -32.65
C LYS B 70 -16.18 -29.37 -32.62
N ASP B 71 -16.62 -28.10 -32.72
CA ASP B 71 -15.78 -26.90 -32.64
C ASP B 71 -15.05 -26.81 -31.30
N SER B 72 -15.76 -27.06 -30.18
CA SER B 72 -15.14 -27.03 -28.85
C SER B 72 -14.13 -28.17 -28.68
N SER B 73 -14.42 -29.34 -29.26
CA SER B 73 -13.52 -30.49 -29.18
C SER B 73 -12.18 -30.17 -29.86
N ALA B 74 -12.24 -29.42 -30.96
CA ALA B 74 -11.05 -29.00 -31.67
C ALA B 74 -10.27 -27.95 -30.90
N ALA B 75 -10.96 -27.01 -30.24
CA ALA B 75 -10.29 -25.90 -29.53
C ALA B 75 -9.76 -26.21 -28.15
N TRP B 76 -10.27 -27.26 -27.49
CA TRP B 76 -9.82 -27.55 -26.13
C TRP B 76 -9.29 -28.95 -25.93
N ASP B 77 -8.53 -29.14 -24.82
CA ASP B 77 -8.01 -30.44 -24.43
C ASP B 77 -9.23 -31.33 -24.09
N GLU B 78 -9.38 -32.45 -24.83
CA GLU B 78 -10.54 -33.31 -24.65
C GLU B 78 -10.54 -34.03 -23.31
N THR B 79 -9.37 -34.29 -22.74
CA THR B 79 -9.26 -34.86 -21.41
C THR B 79 -9.92 -33.98 -20.35
N LEU B 80 -9.65 -32.68 -20.36
CA LEU B 80 -10.21 -31.75 -19.41
C LEU B 80 -11.68 -31.48 -19.69
N LEU B 81 -12.08 -31.51 -20.97
CA LEU B 81 -13.46 -31.31 -21.37
C LEU B 81 -14.35 -32.43 -20.78
N ASP B 82 -13.85 -33.67 -20.68
CA ASP B 82 -14.64 -34.77 -20.14
C ASP B 82 -14.83 -34.68 -18.65
N LYS B 83 -13.77 -34.28 -17.94
CA LYS B 83 -13.88 -34.04 -16.50
C LYS B 83 -14.85 -32.87 -16.23
N PHE B 84 -14.83 -31.86 -17.12
CA PHE B 84 -15.69 -30.70 -17.09
C PHE B 84 -17.14 -31.12 -17.29
N TYR B 85 -17.46 -31.94 -18.33
CA TYR B 85 -18.85 -32.42 -18.54
C TYR B 85 -19.31 -33.24 -17.36
N THR B 86 -18.42 -34.06 -16.78
CA THR B 86 -18.76 -34.89 -15.63
C THR B 86 -19.16 -34.04 -14.43
N GLU B 87 -18.46 -32.92 -14.23
CA GLU B 87 -18.71 -32.00 -13.14
C GLU B 87 -20.01 -31.25 -13.36
N LEU B 88 -20.28 -30.84 -14.61
CA LEU B 88 -21.53 -30.16 -14.94
C LEU B 88 -22.71 -31.13 -14.72
N TYR B 89 -22.55 -32.41 -15.11
CA TYR B 89 -23.56 -33.45 -14.95
C TYR B 89 -23.82 -33.68 -13.46
N GLN B 90 -22.74 -33.77 -12.65
CA GLN B 90 -22.86 -33.97 -11.20
C GLN B 90 -23.68 -32.85 -10.57
N GLN B 91 -23.47 -31.60 -11.01
CA GLN B 91 -24.21 -30.46 -10.47
C GLN B 91 -25.68 -30.51 -10.85
N LEU B 92 -25.99 -31.01 -12.06
CA LEU B 92 -27.38 -31.14 -12.47
C LEU B 92 -28.09 -32.18 -11.62
N ASN B 93 -27.40 -33.27 -11.25
CA ASN B 93 -27.98 -34.31 -10.39
C ASN B 93 -28.38 -33.74 -9.06
N ASP B 94 -27.54 -32.87 -8.48
CA ASP B 94 -27.82 -32.27 -7.20
C ASP B 94 -29.05 -31.39 -7.27
N LEU B 95 -29.15 -30.55 -8.30
CA LEU B 95 -30.29 -29.66 -8.48
C LEU B 95 -31.58 -30.45 -8.65
N GLU B 96 -31.51 -31.57 -9.38
CA GLU B 96 -32.69 -32.41 -9.58
C GLU B 96 -33.01 -33.29 -8.37
N ALA B 97 -32.03 -33.54 -7.49
CA ALA B 97 -32.23 -34.27 -6.24
C ALA B 97 -32.97 -33.33 -5.26
N CYS B 98 -32.59 -32.03 -5.24
CA CYS B 98 -33.23 -31.01 -4.42
C CYS B 98 -34.71 -30.92 -4.81
N VAL B 99 -35.01 -30.82 -6.12
CA VAL B 99 -36.37 -30.76 -6.65
C VAL B 99 -37.17 -32.04 -6.40
N LYS B 112 -42.41 -16.82 -14.11
CA LYS B 112 -42.42 -17.33 -15.47
C LYS B 112 -41.04 -17.85 -15.94
N GLU B 113 -40.91 -18.28 -17.22
CA GLU B 113 -39.68 -18.79 -17.80
C GLU B 113 -38.84 -17.74 -18.55
N ASP B 114 -38.96 -16.48 -18.16
CA ASP B 114 -38.22 -15.39 -18.80
C ASP B 114 -36.72 -15.46 -18.53
N SER B 115 -36.35 -15.95 -17.35
CA SER B 115 -34.96 -16.08 -16.95
C SER B 115 -34.22 -17.08 -17.82
N ILE B 116 -34.85 -18.23 -18.08
CA ILE B 116 -34.29 -19.29 -18.91
C ILE B 116 -34.04 -18.76 -20.34
N LEU B 117 -35.00 -17.99 -20.85
CA LEU B 117 -34.90 -17.39 -22.18
C LEU B 117 -33.69 -16.48 -22.28
N ALA B 118 -33.48 -15.60 -21.28
CA ALA B 118 -32.35 -14.67 -21.26
C ALA B 118 -31.02 -15.43 -21.25
N VAL B 119 -30.97 -16.55 -20.52
CA VAL B 119 -29.76 -17.38 -20.48
C VAL B 119 -29.54 -17.99 -21.86
N ARG B 120 -30.59 -18.52 -22.47
CA ARG B 120 -30.54 -19.09 -23.82
C ARG B 120 -30.05 -18.06 -24.84
N LYS B 121 -30.60 -16.83 -24.78
CA LYS B 121 -30.21 -15.72 -25.66
C LYS B 121 -28.75 -15.35 -25.46
N TYR B 122 -28.29 -15.37 -24.22
CA TYR B 122 -26.91 -15.08 -23.86
C TYR B 122 -25.95 -16.07 -24.54
N PHE B 123 -26.25 -17.38 -24.47
CA PHE B 123 -25.41 -18.39 -25.10
C PHE B 123 -25.49 -18.32 -26.65
N GLN B 124 -26.62 -17.85 -27.19
CA GLN B 124 -26.74 -17.63 -28.65
C GLN B 124 -25.77 -16.55 -29.08
N ARG B 125 -25.62 -15.48 -28.26
CA ARG B 125 -24.69 -14.41 -28.56
C ARG B 125 -23.26 -14.93 -28.51
N ILE B 126 -22.93 -15.83 -27.58
CA ILE B 126 -21.59 -16.39 -27.49
C ILE B 126 -21.30 -17.20 -28.77
N THR B 127 -22.27 -18.02 -29.19
CA THR B 127 -22.17 -18.81 -30.42
C THR B 127 -22.04 -17.94 -31.67
N LEU B 128 -22.81 -16.85 -31.76
CA LEU B 128 -22.75 -15.93 -32.90
C LEU B 128 -21.38 -15.25 -32.97
N TYR B 129 -20.83 -14.88 -31.79
CA TYR B 129 -19.49 -14.27 -31.69
C TYR B 129 -18.46 -15.25 -32.21
N LEU B 130 -18.54 -16.51 -31.76
CA LEU B 130 -17.59 -17.53 -32.16
C LEU B 130 -17.65 -17.79 -33.65
N LYS B 131 -18.83 -17.71 -34.26
CA LYS B 131 -18.98 -17.93 -35.68
C LYS B 131 -18.39 -16.77 -36.44
N GLU B 132 -18.71 -15.53 -36.03
CA GLU B 132 -18.15 -14.32 -36.65
C GLU B 132 -16.63 -14.30 -36.58
N LYS B 133 -16.06 -14.80 -35.49
CA LYS B 133 -14.61 -14.86 -35.28
C LYS B 133 -13.95 -16.14 -35.81
N LYS B 134 -14.71 -16.99 -36.53
CA LYS B 134 -14.28 -18.24 -37.13
C LYS B 134 -13.58 -19.19 -36.16
N TYR B 135 -14.08 -19.25 -34.91
CA TYR B 135 -13.60 -20.14 -33.85
C TYR B 135 -12.10 -20.03 -33.62
N SER B 136 -11.55 -18.82 -33.66
CA SER B 136 -10.12 -18.60 -33.45
C SER B 136 -9.70 -18.87 -32.00
N PRO B 137 -8.41 -19.19 -31.73
CA PRO B 137 -7.99 -19.42 -30.35
C PRO B 137 -8.24 -18.22 -29.44
N CYS B 138 -8.14 -17.00 -29.97
CA CYS B 138 -8.38 -15.80 -29.16
C CYS B 138 -9.87 -15.62 -28.89
N ALA B 139 -10.74 -15.93 -29.89
CA ALA B 139 -12.19 -15.87 -29.66
C ALA B 139 -12.60 -16.88 -28.58
N TRP B 140 -11.96 -18.07 -28.60
CA TRP B 140 -12.22 -19.11 -27.62
C TRP B 140 -11.74 -18.76 -26.22
N GLU B 141 -10.63 -18.02 -26.13
CA GLU B 141 -10.10 -17.58 -24.85
C GLU B 141 -10.98 -16.50 -24.23
N VAL B 142 -11.53 -15.62 -25.08
CA VAL B 142 -12.47 -14.58 -24.66
C VAL B 142 -13.76 -15.27 -24.11
N VAL B 143 -14.25 -16.29 -24.80
CA VAL B 143 -15.42 -17.04 -24.37
C VAL B 143 -15.15 -17.81 -23.07
N ARG B 144 -13.98 -18.45 -22.95
CA ARG B 144 -13.64 -19.21 -21.74
C ARG B 144 -13.62 -18.31 -20.52
N ALA B 145 -12.98 -17.14 -20.65
CA ALA B 145 -12.91 -16.16 -19.57
C ALA B 145 -14.27 -15.57 -19.25
N GLU B 146 -15.10 -15.37 -20.27
CA GLU B 146 -16.47 -14.89 -20.10
C GLU B 146 -17.29 -15.90 -19.26
N ILE B 147 -17.17 -17.20 -19.59
CA ILE B 147 -17.88 -18.22 -18.85
C ILE B 147 -17.33 -18.35 -17.43
N MET B 148 -16.02 -18.14 -17.23
CA MET B 148 -15.44 -18.15 -15.88
C MET B 148 -16.15 -17.12 -14.99
N ARG B 149 -16.40 -15.92 -15.55
CA ARG B 149 -17.07 -14.85 -14.83
C ARG B 149 -18.56 -15.13 -14.62
N SER B 150 -19.32 -15.44 -15.67
CA SER B 150 -20.75 -15.69 -15.53
C SER B 150 -21.11 -16.94 -14.72
N PHE B 151 -20.24 -17.98 -14.74
CA PHE B 151 -20.51 -19.19 -13.98
C PHE B 151 -20.25 -18.92 -12.51
N SER B 152 -19.16 -18.24 -12.18
CA SER B 152 -18.87 -17.92 -10.79
C SER B 152 -19.92 -16.96 -10.23
N LEU B 153 -20.44 -16.04 -11.06
CA LEU B 153 -21.51 -15.12 -10.65
C LEU B 153 -22.77 -15.91 -10.32
N SER B 154 -23.15 -16.86 -11.20
CA SER B 154 -24.35 -17.66 -11.00
C SER B 154 -24.24 -18.58 -9.78
N THR B 155 -23.04 -19.11 -9.52
CA THR B 155 -22.84 -19.97 -8.35
C THR B 155 -22.39 -19.22 -7.09
N ASN B 156 -22.40 -17.87 -7.11
CA ASN B 156 -22.03 -17.09 -5.92
C ASN B 156 -23.19 -17.03 -4.91
N GLU C 3 9.55 19.41 34.91
CA GLU C 3 10.89 19.67 35.42
C GLU C 3 11.96 18.65 34.96
N VAL C 4 11.55 17.58 34.26
CA VAL C 4 12.42 16.54 33.69
C VAL C 4 13.03 17.13 32.40
N GLN C 5 14.38 17.17 32.30
CA GLN C 5 15.02 17.80 31.15
C GLN C 5 16.32 17.12 30.67
N LEU C 6 16.76 17.53 29.47
CA LEU C 6 18.04 17.18 28.86
C LEU C 6 18.73 18.52 28.55
N VAL C 7 20.00 18.68 28.94
CA VAL C 7 20.72 19.92 28.66
C VAL C 7 22.01 19.63 27.91
N GLU C 8 22.10 20.06 26.65
CA GLU C 8 23.32 19.93 25.87
C GLU C 8 24.27 21.13 26.10
N SER C 9 25.57 20.90 25.89
CA SER C 9 26.63 21.90 25.97
C SER C 9 27.82 21.36 25.13
N GLY C 10 28.81 22.22 24.92
CA GLY C 10 30.00 21.83 24.18
C GLY C 10 30.09 22.34 22.77
N GLY C 11 29.02 22.97 22.30
CA GLY C 11 28.97 23.59 20.98
C GLY C 11 29.91 24.78 20.97
N ASP C 12 30.39 25.13 19.78
CA ASP C 12 31.38 26.20 19.67
C ASP C 12 31.63 26.53 18.22
N LEU C 13 32.43 27.59 18.00
CA LEU C 13 33.01 27.93 16.72
C LEU C 13 34.16 26.92 16.59
N VAL C 14 34.36 26.40 15.39
CA VAL C 14 35.41 25.42 15.15
C VAL C 14 35.86 25.50 13.70
N GLN C 15 37.15 25.29 13.47
CA GLN C 15 37.70 25.31 12.13
C GLN C 15 37.33 24.03 11.38
N PRO C 16 37.21 24.09 10.04
CA PRO C 16 37.02 22.85 9.27
C PRO C 16 38.20 21.89 9.55
N GLY C 17 37.91 20.60 9.69
CA GLY C 17 38.90 19.62 10.08
C GLY C 17 39.04 19.49 11.60
N GLY C 18 38.46 20.42 12.34
CA GLY C 18 38.51 20.41 13.80
C GLY C 18 37.56 19.42 14.46
N SER C 19 37.60 19.39 15.80
CA SER C 19 36.85 18.48 16.65
C SER C 19 36.18 19.23 17.79
N LEU C 20 35.05 18.69 18.28
CA LEU C 20 34.31 19.19 19.43
C LEU C 20 33.71 18.01 20.17
N ARG C 21 33.64 18.11 21.50
CA ARG C 21 32.99 17.10 22.30
C ARG C 21 31.70 17.69 22.78
N LEU C 22 30.57 17.13 22.33
CA LEU C 22 29.25 17.54 22.79
C LEU C 22 28.85 16.68 23.96
N SER C 23 28.20 17.29 24.89
CA SER C 23 27.78 16.67 26.13
C SER C 23 26.29 16.94 26.31
N CYS C 24 25.58 16.03 27.00
CA CYS C 24 24.14 16.14 27.26
C CYS C 24 23.92 15.64 28.69
N ALA C 25 23.46 16.52 29.59
CA ALA C 25 23.18 16.11 30.98
C ALA C 25 21.69 15.87 31.14
N ALA C 26 21.35 14.72 31.69
CA ALA C 26 19.99 14.33 31.89
C ALA C 26 19.60 14.46 33.33
N SER C 27 18.43 15.05 33.60
CA SER C 27 17.91 15.12 34.98
C SER C 27 16.42 14.74 35.05
N GLY C 28 15.94 14.34 36.22
CA GLY C 28 14.54 13.96 36.41
C GLY C 28 14.19 12.55 35.97
N PHE C 29 15.19 11.74 35.62
CA PHE C 29 14.93 10.36 35.20
C PHE C 29 16.15 9.45 35.32
N THR C 30 15.95 8.11 35.40
CA THR C 30 17.11 7.23 35.48
C THR C 30 17.49 6.91 34.06
N PHE C 31 18.47 7.71 33.66
CA PHE C 31 19.14 7.76 32.39
C PHE C 31 19.55 6.39 31.89
N SER C 32 20.08 5.54 32.78
CA SER C 32 20.58 4.21 32.45
C SER C 32 19.54 3.27 31.85
N GLY C 33 18.26 3.57 32.06
CA GLY C 33 17.22 2.70 31.53
C GLY C 33 16.80 2.99 30.10
N TYR C 34 17.31 4.06 29.50
CA TYR C 34 16.87 4.46 28.17
C TYR C 34 17.92 4.44 27.08
N ALA C 35 17.52 4.07 25.85
CA ALA C 35 18.35 4.29 24.67
C ALA C 35 18.29 5.81 24.42
N MET C 36 19.38 6.38 23.91
CA MET C 36 19.51 7.81 23.70
C MET C 36 19.89 8.13 22.22
N ALA C 37 19.72 9.39 21.81
CA ALA C 37 20.04 9.78 20.43
C ALA C 37 20.53 11.25 20.33
N TRP C 38 21.16 11.60 19.22
CA TRP C 38 21.60 12.92 18.86
C TRP C 38 20.92 13.17 17.50
N VAL C 39 20.20 14.30 17.40
CA VAL C 39 19.48 14.75 16.22
C VAL C 39 19.89 16.22 16.00
N ARG C 40 20.40 16.55 14.82
CA ARG C 40 20.86 17.89 14.53
C ARG C 40 19.97 18.64 13.55
N GLN C 41 20.03 19.98 13.57
CA GLN C 41 19.24 20.77 12.64
C GLN C 41 20.04 21.95 12.09
N ALA C 42 20.43 21.84 10.83
CA ALA C 42 21.17 22.88 10.13
C ALA C 42 20.22 24.04 9.79
N PRO C 43 20.74 25.27 9.66
CA PRO C 43 19.87 26.41 9.32
C PRO C 43 19.00 26.17 8.08
N GLY C 44 17.69 26.38 8.22
CA GLY C 44 16.75 26.20 7.13
C GLY C 44 16.48 24.76 6.72
N LYS C 45 17.08 23.78 7.43
CA LYS C 45 16.92 22.37 7.06
C LYS C 45 16.05 21.59 8.05
N GLU C 46 15.64 20.40 7.62
CA GLU C 46 14.87 19.52 8.47
C GLU C 46 15.77 18.92 9.55
N MET C 47 15.18 18.39 10.62
CA MET C 47 15.90 17.67 11.67
C MET C 47 16.57 16.44 11.04
N GLN C 48 17.76 16.11 11.52
CA GLN C 48 18.49 14.99 10.98
C GLN C 48 19.05 14.12 12.09
N TRP C 49 18.62 12.83 12.12
CA TRP C 49 19.12 11.88 13.11
C TRP C 49 20.60 11.63 12.82
N VAL C 50 21.38 11.66 13.87
CA VAL C 50 22.82 11.55 13.74
C VAL C 50 23.34 10.25 14.29
N SER C 51 22.97 9.93 15.51
CA SER C 51 23.43 8.74 16.16
C SER C 51 22.49 8.26 17.27
N SER C 52 22.50 6.95 17.56
CA SER C 52 21.74 6.34 18.65
C SER C 52 22.61 5.41 19.48
N ILE C 53 22.31 5.26 20.77
CA ILE C 53 23.09 4.39 21.63
C ILE C 53 22.17 3.67 22.65
N SER C 54 22.40 2.37 22.85
CA SER C 54 21.65 1.51 23.77
C SER C 54 21.77 1.95 25.20
N ASP C 55 20.85 1.54 26.07
CA ASP C 55 20.89 1.89 27.49
C ASP C 55 22.25 1.52 28.16
N ASP C 56 22.83 0.34 27.83
CA ASP C 56 24.10 -0.08 28.40
C ASP C 56 25.34 0.46 27.67
N GLY C 57 25.14 1.12 26.55
CA GLY C 57 26.24 1.66 25.76
C GLY C 57 26.91 0.67 24.83
N GLY C 58 26.51 -0.60 24.89
CA GLY C 58 27.09 -1.67 24.09
C GLY C 58 26.77 -1.63 22.61
N THR C 59 25.63 -1.01 22.24
CA THR C 59 25.20 -0.95 20.84
C THR C 59 25.00 0.50 20.40
N SER C 60 25.54 0.87 19.23
CA SER C 60 25.35 2.23 18.73
C SER C 60 25.17 2.28 17.22
N TYR C 61 24.48 3.30 16.73
CA TYR C 61 24.21 3.48 15.30
C TYR C 61 24.57 4.89 14.89
N TYR C 62 24.93 5.07 13.61
CA TYR C 62 25.30 6.36 13.08
C TYR C 62 24.67 6.60 11.73
N ALA C 63 24.47 7.89 11.38
CA ALA C 63 24.04 8.24 10.02
C ALA C 63 25.26 8.00 9.12
N ASP C 64 25.06 7.63 7.86
CA ASP C 64 26.16 7.29 6.95
C ASP C 64 27.18 8.40 6.73
N SER C 65 26.74 9.66 6.72
CA SER C 65 27.61 10.83 6.51
C SER C 65 28.54 11.13 7.68
N VAL C 66 28.24 10.61 8.86
CA VAL C 66 29.07 10.87 10.05
C VAL C 66 29.83 9.59 10.54
N GLU C 67 29.57 8.45 9.90
CA GLU C 67 30.15 7.14 10.18
C GLU C 67 31.67 7.20 10.10
N GLY C 68 32.32 6.96 11.23
CA GLY C 68 33.77 7.04 11.29
C GLY C 68 34.31 8.38 11.75
N ARG C 69 33.50 9.47 11.70
CA ARG C 69 33.92 10.82 12.16
C ARG C 69 33.31 11.13 13.54
N PHE C 70 32.10 10.59 13.80
CA PHE C 70 31.40 10.83 15.05
C PHE C 70 31.47 9.57 15.90
N THR C 71 31.45 9.78 17.21
CA THR C 71 31.48 8.68 18.15
C THR C 71 30.57 9.04 19.33
N VAL C 72 29.52 8.26 19.52
CA VAL C 72 28.60 8.45 20.64
C VAL C 72 29.06 7.57 21.80
N SER C 73 28.87 8.04 23.00
CA SER C 73 29.20 7.30 24.20
C SER C 73 28.28 7.79 25.34
N ARG C 74 28.35 7.16 26.50
CA ARG C 74 27.54 7.58 27.63
C ARG C 74 28.18 7.14 28.94
N ASP C 75 27.85 7.87 30.02
CA ASP C 75 28.29 7.50 31.37
C ASP C 75 27.03 7.47 32.20
N ASN C 76 26.49 6.27 32.41
CA ASN C 76 25.27 6.09 33.17
C ASN C 76 25.35 6.54 34.63
N SER C 77 26.50 6.34 35.27
CA SER C 77 26.68 6.79 36.67
C SER C 77 26.68 8.32 36.79
N ARG C 78 26.87 9.05 35.67
CA ARG C 78 26.85 10.51 35.66
C ARG C 78 25.65 11.12 34.94
N SER C 79 24.76 10.29 34.39
CA SER C 79 23.59 10.71 33.62
C SER C 79 23.99 11.59 32.46
N SER C 80 25.07 11.18 31.76
CA SER C 80 25.58 11.96 30.66
C SER C 80 25.70 11.18 29.37
N LEU C 81 25.32 11.82 28.26
CA LEU C 81 25.43 11.31 26.91
C LEU C 81 26.47 12.19 26.19
N TYR C 82 27.34 11.59 25.36
CA TYR C 82 28.38 12.35 24.66
C TYR C 82 28.33 12.12 23.18
N LEU C 83 28.85 13.06 22.42
CA LEU C 83 29.02 12.93 20.99
C LEU C 83 30.35 13.61 20.61
N GLN C 84 31.35 12.83 20.28
CA GLN C 84 32.63 13.36 19.82
C GLN C 84 32.46 13.58 18.33
N ILE C 85 32.61 14.83 17.84
CA ILE C 85 32.44 15.11 16.42
C ILE C 85 33.77 15.60 15.83
N ASN C 86 34.35 14.81 14.93
CA ASN C 86 35.67 15.11 14.35
C ASN C 86 35.56 15.36 12.83
N ASN C 87 36.68 15.86 12.22
CA ASN C 87 36.82 16.19 10.80
C ASN C 87 35.63 16.99 10.29
N LEU C 88 35.27 18.05 11.03
CA LEU C 88 34.11 18.87 10.78
C LEU C 88 34.15 19.62 9.46
N ARG C 89 33.02 19.66 8.78
CA ARG C 89 32.88 20.36 7.50
C ARG C 89 31.68 21.34 7.62
N ALA C 90 31.43 22.14 6.57
CA ALA C 90 30.32 23.11 6.59
C ALA C 90 28.94 22.48 6.81
N GLY C 91 28.78 21.21 6.39
CA GLY C 91 27.54 20.47 6.57
C GLY C 91 27.26 20.11 8.02
N ASP C 92 28.28 20.17 8.89
CA ASP C 92 28.10 19.87 10.31
C ASP C 92 27.57 21.05 11.11
N THR C 93 27.46 22.26 10.52
CA THR C 93 26.94 23.42 11.24
C THR C 93 25.46 23.17 11.46
N ALA C 94 25.04 23.07 12.74
CA ALA C 94 23.69 22.74 13.11
C ALA C 94 23.50 22.92 14.62
N VAL C 95 22.25 22.94 15.10
CA VAL C 95 21.96 22.89 16.51
C VAL C 95 21.85 21.40 16.80
N TYR C 96 22.67 20.88 17.73
CA TYR C 96 22.66 19.46 18.05
C TYR C 96 21.83 19.20 19.29
N HIS C 97 20.77 18.41 19.15
CA HIS C 97 19.89 18.03 20.25
C HIS C 97 20.17 16.61 20.67
N CYS C 98 20.14 16.36 21.97
CA CYS C 98 20.16 15.00 22.46
C CYS C 98 18.68 14.67 22.77
N ALA C 99 18.32 13.39 22.64
CA ALA C 99 16.95 12.97 22.82
C ALA C 99 16.84 11.60 23.48
N ARG C 100 15.74 11.37 24.19
CA ARG C 100 15.52 10.13 24.90
C ARG C 100 14.60 9.22 24.11
N ASP C 101 15.05 7.99 23.80
CA ASP C 101 14.20 7.05 23.03
C ASP C 101 12.97 6.57 23.83
N HIS C 102 11.80 6.78 23.21
CA HIS C 102 10.49 6.40 23.71
C HIS C 102 10.13 4.92 23.43
N GLY C 103 10.89 4.24 22.58
CA GLY C 103 10.62 2.85 22.26
C GLY C 103 10.78 1.91 23.43
N GLY C 104 10.06 0.80 23.38
CA GLY C 104 10.11 -0.21 24.41
C GLY C 104 10.50 -1.57 23.86
N ASN C 105 10.85 -2.48 24.75
CA ASN C 105 11.23 -3.83 24.36
C ASN C 105 10.08 -4.73 23.92
N ASP C 106 8.87 -4.60 24.49
CA ASP C 106 7.74 -5.45 24.11
C ASP C 106 7.43 -5.33 22.60
N TYR C 107 7.43 -4.11 22.06
CA TYR C 107 7.13 -3.92 20.64
C TYR C 107 8.36 -3.61 19.79
N GLY C 108 9.48 -3.24 20.42
CA GLY C 108 10.71 -2.89 19.74
C GLY C 108 10.59 -1.62 18.90
N ASP C 109 9.73 -0.71 19.32
CA ASP C 109 9.46 0.50 18.56
C ASP C 109 10.46 1.65 18.84
N PHE C 110 11.75 1.35 18.70
CA PHE C 110 12.80 2.33 18.90
C PHE C 110 12.89 3.29 17.71
N GLY C 111 13.55 4.42 17.93
CA GLY C 111 13.77 5.40 16.88
C GLY C 111 12.95 6.67 16.97
N HIS C 112 12.17 6.83 18.03
CA HIS C 112 11.37 8.04 18.22
C HIS C 112 11.56 8.50 19.68
N PHE C 113 11.40 9.81 19.91
CA PHE C 113 11.87 10.43 21.14
C PHE C 113 10.82 11.17 21.95
N ASP C 114 10.74 10.88 23.25
CA ASP C 114 9.74 11.54 24.12
C ASP C 114 10.31 12.70 24.99
N LEU C 115 11.60 12.95 24.89
CA LEU C 115 12.29 14.00 25.61
C LEU C 115 13.42 14.49 24.74
N TRP C 116 13.53 15.82 24.59
CA TRP C 116 14.61 16.44 23.83
C TRP C 116 15.21 17.56 24.67
N GLY C 117 16.41 17.97 24.32
CA GLY C 117 17.01 19.18 24.88
C GLY C 117 16.82 20.32 23.90
N ARG C 118 17.06 21.60 24.35
CA ARG C 118 16.97 22.74 23.44
C ARG C 118 18.09 22.77 22.37
N GLY C 119 19.18 22.03 22.60
CA GLY C 119 20.29 21.92 21.65
C GLY C 119 21.48 22.83 21.91
N THR C 120 22.62 22.53 21.29
CA THR C 120 23.85 23.30 21.38
C THR C 120 24.34 23.58 19.97
N LEU C 121 24.54 24.86 19.60
CA LEU C 121 24.95 25.22 18.24
C LEU C 121 26.40 24.87 17.96
N VAL C 122 26.66 24.30 16.81
CA VAL C 122 28.02 24.02 16.36
C VAL C 122 28.19 24.83 15.08
N THR C 123 29.13 25.75 15.03
CA THR C 123 29.35 26.56 13.83
C THR C 123 30.74 26.28 13.29
N VAL C 124 30.81 25.62 12.14
CA VAL C 124 32.07 25.34 11.46
C VAL C 124 32.35 26.56 10.61
N SER C 125 33.46 27.23 10.87
CA SER C 125 33.79 28.49 10.20
C SER C 125 34.27 28.36 8.77
N SER C 126 33.40 28.71 7.82
CA SER C 126 33.75 28.63 6.40
C SER C 126 34.69 29.77 5.99
N GLU C 147 17.02 6.47 1.77
CA GLU C 147 16.31 7.21 2.80
C GLU C 147 14.89 7.55 2.39
N ILE C 148 13.96 7.47 3.35
CA ILE C 148 12.58 7.84 3.16
C ILE C 148 12.46 9.35 3.39
N VAL C 149 11.87 10.05 2.44
CA VAL C 149 11.73 11.50 2.46
C VAL C 149 10.33 11.84 2.94
N LEU C 150 10.23 12.75 3.94
CA LEU C 150 8.92 13.20 4.39
C LEU C 150 8.69 14.62 3.88
N THR C 151 7.50 14.90 3.39
CA THR C 151 7.17 16.20 2.86
C THR C 151 5.91 16.71 3.56
N GLN C 152 6.05 17.85 4.24
CA GLN C 152 4.96 18.46 4.94
C GLN C 152 4.31 19.58 4.18
N SER C 153 3.03 19.74 4.38
CA SER C 153 2.28 20.82 3.76
C SER C 153 1.11 21.22 4.67
N PRO C 154 0.83 22.53 4.80
CA PRO C 154 1.54 23.66 4.16
C PRO C 154 2.88 23.99 4.83
N GLY C 155 3.63 24.93 4.29
CA GLY C 155 4.87 25.38 4.90
C GLY C 155 4.57 26.24 6.10
N THR C 156 3.54 27.08 5.99
CA THR C 156 3.11 28.01 7.03
C THR C 156 1.58 28.07 7.08
N LEU C 157 1.01 28.15 8.28
CA LEU C 157 -0.42 28.30 8.51
C LEU C 157 -0.58 29.51 9.39
N SER C 158 -1.34 30.51 8.95
CA SER C 158 -1.56 31.70 9.76
C SER C 158 -2.99 31.66 10.23
N LEU C 159 -3.18 31.31 11.50
CA LEU C 159 -4.51 31.14 12.04
C LEU C 159 -4.70 31.91 13.34
N SER C 160 -5.96 32.09 13.73
CA SER C 160 -6.33 32.79 14.95
C SER C 160 -6.63 31.78 16.05
N PRO C 161 -6.50 32.16 17.34
CA PRO C 161 -6.83 31.21 18.41
C PRO C 161 -8.29 30.76 18.33
N GLY C 162 -8.51 29.51 18.66
CA GLY C 162 -9.82 28.90 18.57
C GLY C 162 -10.10 28.22 17.25
N GLU C 163 -9.22 28.35 16.27
CA GLU C 163 -9.40 27.73 14.96
C GLU C 163 -8.70 26.39 14.85
N GLY C 164 -9.15 25.58 13.90
CA GLY C 164 -8.57 24.26 13.65
C GLY C 164 -7.46 24.31 12.62
N ALA C 165 -6.60 23.30 12.63
CA ALA C 165 -5.48 23.20 11.70
C ALA C 165 -5.29 21.74 11.27
N THR C 166 -5.01 21.55 9.97
CA THR C 166 -4.81 20.23 9.40
C THR C 166 -3.44 20.24 8.76
N LEU C 167 -2.50 19.45 9.30
CA LEU C 167 -1.13 19.40 8.84
C LEU C 167 -0.88 18.07 8.14
N SER C 168 -0.29 18.07 6.94
CA SER C 168 -0.04 16.83 6.21
C SER C 168 1.41 16.43 6.26
N CYS C 169 1.67 15.14 6.27
CA CYS C 169 3.01 14.59 6.24
C CYS C 169 2.93 13.43 5.27
N ARG C 170 3.62 13.55 4.13
CA ARG C 170 3.60 12.52 3.11
C ARG C 170 4.94 11.87 3.02
N ALA C 171 5.00 10.54 2.92
CA ALA C 171 6.28 9.84 2.80
C ALA C 171 6.55 9.35 1.38
N SER C 172 7.83 9.29 0.99
CA SER C 172 8.22 8.84 -0.35
C SER C 172 7.97 7.32 -0.60
N GLN C 173 7.79 6.56 0.48
CA GLN C 173 7.46 5.16 0.51
C GLN C 173 6.74 4.85 1.83
N ARG C 174 5.99 3.76 1.86
CA ARG C 174 5.20 3.29 3.01
C ARG C 174 5.95 3.32 4.32
N VAL C 175 5.31 3.84 5.37
CA VAL C 175 5.91 3.92 6.69
C VAL C 175 5.58 2.61 7.41
N SER C 176 6.59 1.75 7.52
CA SER C 176 6.49 0.44 8.13
C SER C 176 5.92 0.52 9.56
N ASN C 177 4.87 -0.28 9.83
CA ASN C 177 4.16 -0.40 11.11
C ASN C 177 3.44 0.87 11.52
N ASN C 178 3.26 1.83 10.60
CA ASN C 178 2.67 3.14 10.94
C ASN C 178 3.52 3.86 11.98
N TYR C 179 4.84 3.64 11.95
CA TYR C 179 5.72 4.28 12.90
C TYR C 179 5.99 5.71 12.46
N LEU C 180 5.02 6.60 12.72
CA LEU C 180 5.12 8.01 12.42
C LEU C 180 4.85 8.79 13.67
N ALA C 181 5.76 9.72 13.99
CA ALA C 181 5.64 10.56 15.15
C ALA C 181 5.48 12.02 14.76
N TRP C 182 4.79 12.80 15.60
CA TRP C 182 4.64 14.23 15.41
C TRP C 182 5.25 14.91 16.61
N TYR C 183 5.96 15.98 16.37
CA TYR C 183 6.62 16.76 17.39
C TYR C 183 6.21 18.21 17.27
N GLN C 184 6.23 18.93 18.39
CA GLN C 184 5.92 20.33 18.48
C GLN C 184 7.18 21.06 18.95
N HIS C 185 7.60 22.14 18.28
CA HIS C 185 8.74 22.93 18.71
C HIS C 185 8.28 24.38 18.98
N ARG C 186 8.00 24.71 20.25
CA ARG C 186 7.61 26.07 20.61
C ARG C 186 8.88 26.92 20.78
N PRO C 187 8.81 28.22 20.43
CA PRO C 187 10.00 29.08 20.60
C PRO C 187 10.47 29.13 22.07
N GLY C 188 11.75 28.99 22.27
CA GLY C 188 12.31 28.98 23.62
C GLY C 188 12.13 27.67 24.36
N GLN C 189 11.55 26.64 23.70
CA GLN C 189 11.36 25.35 24.33
C GLN C 189 11.98 24.23 23.52
N ALA C 190 12.35 23.14 24.23
CA ALA C 190 12.89 21.92 23.59
C ALA C 190 11.77 21.29 22.73
N PRO C 191 12.06 20.57 21.62
CA PRO C 191 10.96 19.87 20.93
C PRO C 191 10.20 18.89 21.87
N ARG C 192 8.96 18.61 21.53
CA ARG C 192 8.07 17.85 22.39
C ARG C 192 7.35 16.81 21.57
N LEU C 193 7.35 15.57 22.03
CA LEU C 193 6.60 14.51 21.34
C LEU C 193 5.08 14.70 21.57
N LEU C 194 4.31 14.73 20.50
CA LEU C 194 2.86 14.84 20.58
C LEU C 194 2.22 13.49 20.28
N ILE C 195 2.54 12.90 19.10
CA ILE C 195 1.93 11.68 18.64
C ILE C 195 2.99 10.64 18.29
N TYR C 196 2.72 9.37 18.51
CA TYR C 196 3.58 8.26 18.07
C TYR C 196 2.71 7.14 17.51
N GLY C 197 3.28 6.25 16.71
CA GLY C 197 2.53 5.17 16.08
C GLY C 197 1.39 5.68 15.23
N ALA C 198 1.54 6.91 14.69
CA ALA C 198 0.64 7.64 13.82
C ALA C 198 -0.61 8.15 14.50
N SER C 199 -1.08 7.52 15.59
CA SER C 199 -2.31 7.99 16.23
C SER C 199 -2.33 7.93 17.76
N SER C 200 -1.26 7.43 18.40
CA SER C 200 -1.26 7.40 19.87
C SER C 200 -0.74 8.70 20.45
N ARG C 201 -1.51 9.33 21.33
CA ARG C 201 -1.11 10.55 21.99
C ARG C 201 -0.13 10.18 23.08
N ALA C 202 0.98 10.95 23.18
CA ALA C 202 1.96 10.73 24.22
C ALA C 202 1.36 11.19 25.56
N THR C 203 1.93 10.73 26.68
CA THR C 203 1.43 11.09 28.00
C THR C 203 1.42 12.61 28.21
N GLY C 204 0.31 13.15 28.65
CA GLY C 204 0.18 14.57 28.89
C GLY C 204 -0.32 15.41 27.74
N ILE C 205 -0.33 14.84 26.55
CA ILE C 205 -0.76 15.56 25.35
C ILE C 205 -2.30 15.67 25.28
N PRO C 206 -2.82 16.92 25.21
CA PRO C 206 -4.28 17.09 25.12
C PRO C 206 -4.96 16.53 23.88
N ASP C 207 -6.22 16.17 24.05
CA ASP C 207 -7.10 15.58 23.07
C ASP C 207 -7.25 16.37 21.79
N ARG C 208 -6.98 17.69 21.83
CA ARG C 208 -7.11 18.53 20.64
C ARG C 208 -6.08 18.20 19.55
N PHE C 209 -5.03 17.42 19.89
CA PHE C 209 -4.03 16.96 18.95
C PHE C 209 -4.42 15.54 18.57
N ARG C 210 -4.70 15.33 17.29
CA ARG C 210 -5.16 14.05 16.81
C ARG C 210 -4.41 13.60 15.58
N GLY C 211 -3.72 12.49 15.70
CA GLY C 211 -2.97 11.94 14.58
C GLY C 211 -3.77 10.86 13.87
N SER C 212 -3.65 10.81 12.54
CA SER C 212 -4.32 9.80 11.73
C SER C 212 -3.50 9.48 10.49
N GLY C 213 -3.90 8.43 9.79
CA GLY C 213 -3.24 8.05 8.57
C GLY C 213 -2.54 6.72 8.64
N SER C 214 -1.97 6.33 7.51
CA SER C 214 -1.26 5.08 7.32
C SER C 214 -0.63 5.05 5.93
N GLY C 215 0.27 4.09 5.70
CA GLY C 215 0.92 3.94 4.41
C GLY C 215 1.86 5.09 4.13
N THR C 216 1.48 6.00 3.25
CA THR C 216 2.32 7.16 2.92
C THR C 216 1.68 8.49 3.27
N ASP C 217 0.46 8.50 3.87
CA ASP C 217 -0.24 9.74 4.11
C ASP C 217 -0.67 9.86 5.54
N PHE C 218 -0.10 10.82 6.24
CA PHE C 218 -0.37 11.02 7.66
C PHE C 218 -0.85 12.46 7.89
N THR C 219 -1.70 12.64 8.89
CA THR C 219 -2.21 13.97 9.19
C THR C 219 -2.20 14.24 10.70
N LEU C 220 -1.92 15.50 11.08
CA LEU C 220 -2.05 15.96 12.45
C LEU C 220 -3.16 17.00 12.43
N THR C 221 -4.22 16.76 13.20
CA THR C 221 -5.31 17.72 13.31
C THR C 221 -5.24 18.40 14.68
N ILE C 222 -5.20 19.74 14.71
CA ILE C 222 -5.26 20.47 15.96
C ILE C 222 -6.64 21.14 15.93
N SER C 223 -7.60 20.60 16.70
CA SER C 223 -9.00 21.06 16.62
C SER C 223 -9.30 22.48 17.13
N ARG C 224 -8.53 23.00 18.08
CA ARG C 224 -8.74 24.34 18.61
C ARG C 224 -7.36 24.84 18.90
N LEU C 225 -6.95 25.94 18.30
CA LEU C 225 -5.62 26.46 18.56
C LEU C 225 -5.58 27.33 19.78
N GLU C 226 -4.70 27.03 20.70
CA GLU C 226 -4.46 27.85 21.88
C GLU C 226 -3.22 28.72 21.62
N PRO C 227 -2.96 29.84 22.36
CA PRO C 227 -1.75 30.64 22.09
C PRO C 227 -0.43 29.86 22.16
N GLU C 228 -0.30 28.87 23.06
CA GLU C 228 0.92 28.04 23.13
C GLU C 228 1.05 27.07 21.96
N ASP C 229 -0.03 26.86 21.20
CA ASP C 229 0.01 25.98 20.04
C ASP C 229 0.70 26.61 18.84
N PHE C 230 1.13 27.88 18.92
CA PHE C 230 1.82 28.52 17.82
C PHE C 230 3.27 28.10 17.93
N ALA C 231 3.67 27.19 17.04
CA ALA C 231 4.95 26.50 17.07
C ALA C 231 5.26 25.90 15.65
N VAL C 232 6.45 25.27 15.47
CA VAL C 232 6.77 24.50 14.29
C VAL C 232 6.38 23.04 14.62
N TYR C 233 5.64 22.40 13.74
CA TYR C 233 5.23 21.01 13.93
C TYR C 233 5.96 20.17 12.90
N PHE C 234 6.72 19.16 13.34
CA PHE C 234 7.43 18.31 12.40
C PHE C 234 7.13 16.80 12.60
N CYS C 235 7.14 16.03 11.51
CA CYS C 235 6.86 14.59 11.53
C CYS C 235 8.14 13.79 11.37
N GLN C 236 8.09 12.51 11.73
CA GLN C 236 9.24 11.63 11.63
C GLN C 236 8.78 10.21 11.39
N GLN C 237 9.45 9.48 10.49
CA GLN C 237 9.16 8.07 10.31
C GLN C 237 10.28 7.33 11.04
N TYR C 238 9.92 6.33 11.84
CA TYR C 238 10.90 5.52 12.55
C TYR C 238 10.61 4.01 12.35
N GLY C 239 9.95 3.64 11.25
CA GLY C 239 9.64 2.25 10.96
C GLY C 239 10.77 1.52 10.28
N SER C 240 11.60 2.26 9.54
CA SER C 240 12.70 1.68 8.79
C SER C 240 13.85 1.33 9.70
N ALA C 241 14.85 0.64 9.14
CA ALA C 241 16.14 0.46 9.80
C ALA C 241 16.79 1.90 9.76
N PRO C 242 17.80 2.24 10.60
CA PRO C 242 18.41 3.57 10.48
C PRO C 242 18.93 3.86 9.06
N PRO C 243 18.75 5.09 8.55
CA PRO C 243 18.28 6.28 9.28
C PRO C 243 16.79 6.51 9.40
N TRP C 244 16.39 7.08 10.55
CA TRP C 244 15.04 7.54 10.77
C TRP C 244 15.03 8.99 10.26
N THR C 245 14.00 9.37 9.49
CA THR C 245 13.99 10.66 8.84
C THR C 245 12.85 11.55 9.24
N PHE C 246 13.02 12.86 9.05
CA PHE C 246 12.05 13.85 9.50
C PHE C 246 11.54 14.73 8.37
N GLY C 247 10.34 15.26 8.56
CA GLY C 247 9.75 16.24 7.66
C GLY C 247 10.37 17.61 7.92
N GLN C 248 10.30 18.52 6.94
CA GLN C 248 10.92 19.84 7.08
C GLN C 248 10.14 20.79 8.03
N GLY C 249 8.92 20.43 8.40
CA GLY C 249 8.14 21.20 9.35
C GLY C 249 7.06 22.10 8.76
N THR C 250 6.03 22.37 9.56
CA THR C 250 4.97 23.31 9.19
C THR C 250 4.94 24.31 10.32
N LYS C 251 5.16 25.58 10.01
CA LYS C 251 5.12 26.61 11.04
C LYS C 251 3.69 27.08 11.21
N VAL C 252 3.15 27.04 12.43
CA VAL C 252 1.79 27.51 12.68
C VAL C 252 1.90 28.82 13.45
N GLU C 253 1.56 29.94 12.82
CA GLU C 253 1.69 31.25 13.46
C GLU C 253 0.36 31.90 13.78
N ILE C 254 0.37 32.79 14.79
CA ILE C 254 -0.79 33.52 15.31
C ILE C 254 -1.29 34.66 14.41
N LYS C 255 -2.54 35.09 14.62
CA LYS C 255 -3.15 36.18 13.85
C LYS C 255 -3.94 37.11 14.78
N GLU D 3 10.39 -2.36 0.19
CA GLU D 3 8.95 -2.08 0.15
C GLU D 3 8.38 -2.23 -1.24
N VAL D 4 7.08 -2.52 -1.31
CA VAL D 4 6.40 -2.67 -2.58
C VAL D 4 6.12 -1.31 -3.16
N GLN D 5 6.80 -0.95 -4.27
CA GLN D 5 6.65 0.35 -4.92
C GLN D 5 7.11 0.35 -6.37
N LEU D 6 6.66 1.37 -7.12
CA LEU D 6 7.06 1.65 -8.49
C LEU D 6 7.62 3.09 -8.50
N VAL D 7 8.83 3.29 -9.04
CA VAL D 7 9.42 4.63 -9.08
C VAL D 7 9.82 5.02 -10.50
N GLU D 8 9.12 5.99 -11.12
CA GLU D 8 9.47 6.47 -12.44
C GLU D 8 10.58 7.57 -12.40
N SER D 9 11.32 7.69 -13.52
CA SER D 9 12.34 8.68 -13.76
C SER D 9 12.52 8.85 -15.27
N GLY D 10 13.29 9.84 -15.68
CA GLY D 10 13.58 10.07 -17.09
C GLY D 10 12.84 11.23 -17.71
N GLY D 11 11.91 11.83 -16.96
CA GLY D 11 11.14 12.97 -17.44
C GLY D 11 12.05 14.18 -17.59
N ASP D 12 11.68 15.12 -18.47
CA ASP D 12 12.52 16.27 -18.74
C ASP D 12 11.82 17.26 -19.63
N LEU D 13 12.46 18.46 -19.78
CA LEU D 13 12.08 19.47 -20.76
C LEU D 13 12.66 18.93 -22.07
N VAL D 14 11.90 18.98 -23.15
CA VAL D 14 12.35 18.45 -24.42
C VAL D 14 11.71 19.21 -25.56
N GLN D 15 12.43 19.33 -26.67
CA GLN D 15 11.92 20.03 -27.84
C GLN D 15 10.94 19.14 -28.60
N PRO D 16 9.97 19.75 -29.30
CA PRO D 16 9.07 18.96 -30.15
C PRO D 16 9.90 18.20 -31.19
N GLY D 17 9.48 17.00 -31.49
CA GLY D 17 10.24 16.13 -32.38
C GLY D 17 11.31 15.33 -31.66
N GLY D 18 11.61 15.70 -30.42
CA GLY D 18 12.61 15.03 -29.61
C GLY D 18 12.15 13.70 -29.02
N SER D 19 13.06 13.06 -28.27
CA SER D 19 12.85 11.76 -27.65
C SER D 19 13.24 11.76 -26.18
N LEU D 20 12.64 10.88 -25.39
CA LEU D 20 12.94 10.66 -23.96
C LEU D 20 12.73 9.20 -23.63
N ARG D 21 13.56 8.64 -22.78
CA ARG D 21 13.39 7.27 -22.32
C ARG D 21 12.90 7.35 -20.89
N LEU D 22 11.67 6.91 -20.66
CA LEU D 22 11.12 6.87 -19.29
C LEU D 22 11.39 5.51 -18.72
N SER D 23 11.74 5.49 -17.46
CA SER D 23 12.11 4.30 -16.75
C SER D 23 11.25 4.17 -15.51
N CYS D 24 11.00 2.95 -15.06
CA CYS D 24 10.19 2.67 -13.88
C CYS D 24 10.87 1.50 -13.15
N ALA D 25 11.34 1.73 -11.92
CA ALA D 25 11.98 0.68 -11.13
C ALA D 25 10.94 0.11 -10.15
N ALA D 26 10.77 -1.23 -10.16
CA ALA D 26 9.82 -1.94 -9.32
C ALA D 26 10.57 -2.63 -8.20
N SER D 27 10.02 -2.59 -7.01
CA SER D 27 10.62 -3.32 -5.88
C SER D 27 9.56 -4.01 -5.04
N GLY D 28 9.98 -5.02 -4.27
CA GLY D 28 9.12 -5.74 -3.35
C GLY D 28 8.16 -6.76 -3.92
N PHE D 29 8.23 -7.03 -5.22
CA PHE D 29 7.32 -8.03 -5.81
C PHE D 29 7.98 -8.73 -7.01
N THR D 30 7.47 -9.93 -7.38
CA THR D 30 8.02 -10.67 -8.52
C THR D 30 7.51 -9.98 -9.78
N PHE D 31 8.26 -8.99 -10.28
CA PHE D 31 7.95 -8.14 -11.44
C PHE D 31 7.56 -8.94 -12.65
N SER D 32 8.32 -10.02 -12.91
CA SER D 32 8.10 -10.90 -14.08
C SER D 32 6.70 -11.57 -14.13
N GLY D 33 5.99 -11.63 -13.01
CA GLY D 33 4.68 -12.27 -12.98
C GLY D 33 3.53 -11.38 -13.35
N TYR D 34 3.78 -10.08 -13.58
CA TYR D 34 2.69 -9.15 -13.85
C TYR D 34 2.76 -8.45 -15.16
N ALA D 35 1.60 -8.21 -15.78
CA ALA D 35 1.52 -7.32 -16.92
C ALA D 35 1.69 -5.88 -16.33
N MET D 36 2.28 -4.98 -17.08
CA MET D 36 2.55 -3.62 -16.61
C MET D 36 1.91 -2.58 -17.56
N ALA D 37 1.82 -1.31 -17.14
CA ALA D 37 1.23 -0.26 -17.98
C ALA D 37 1.85 1.14 -17.71
N TRP D 38 1.65 2.07 -18.63
CA TRP D 38 2.00 3.47 -18.52
C TRP D 38 0.66 4.20 -18.71
N VAL D 39 0.34 5.09 -17.76
CA VAL D 39 -0.89 5.91 -17.78
C VAL D 39 -0.43 7.35 -17.54
N ARG D 40 -0.76 8.27 -18.45
CA ARG D 40 -0.33 9.64 -18.32
C ARG D 40 -1.46 10.61 -17.98
N GLN D 41 -1.10 11.75 -17.37
CA GLN D 41 -2.09 12.75 -17.04
C GLN D 41 -1.62 14.16 -17.41
N ALA D 42 -2.18 14.70 -18.49
CA ALA D 42 -1.88 16.05 -18.97
C ALA D 42 -2.55 17.06 -18.06
N PRO D 43 -1.99 18.29 -17.96
CA PRO D 43 -2.59 19.31 -17.08
C PRO D 43 -4.08 19.56 -17.31
N GLY D 44 -4.87 19.41 -16.24
CA GLY D 44 -6.32 19.61 -16.29
C GLY D 44 -7.10 18.52 -17.02
N LYS D 45 -6.42 17.44 -17.44
CA LYS D 45 -7.09 16.36 -18.17
C LYS D 45 -7.26 15.08 -17.33
N GLU D 46 -8.12 14.18 -17.81
CA GLU D 46 -8.32 12.90 -17.14
C GLU D 46 -7.09 12.01 -17.37
N MET D 47 -6.97 10.95 -16.57
CA MET D 47 -5.90 9.94 -16.75
C MET D 47 -6.09 9.28 -18.11
N GLN D 48 -4.99 9.02 -18.81
CA GLN D 48 -5.05 8.41 -20.12
C GLN D 48 -4.09 7.24 -20.20
N TRP D 49 -4.65 6.06 -20.48
CA TRP D 49 -3.87 4.86 -20.65
C TRP D 49 -3.03 5.03 -21.92
N VAL D 50 -1.74 4.72 -21.80
CA VAL D 50 -0.82 4.94 -22.89
C VAL D 50 -0.41 3.65 -23.52
N SER D 51 0.03 2.70 -22.69
CA SER D 51 0.50 1.43 -23.19
C SER D 51 0.45 0.34 -22.14
N SER D 52 0.34 -0.92 -22.60
CA SER D 52 0.39 -2.08 -21.72
C SER D 52 1.38 -3.09 -22.27
N ILE D 53 2.02 -3.84 -21.37
CA ILE D 53 2.94 -4.88 -21.78
C ILE D 53 2.78 -6.15 -20.95
N SER D 54 2.82 -7.33 -21.61
CA SER D 54 2.69 -8.63 -21.01
C SER D 54 3.83 -8.91 -20.02
N ASP D 55 3.61 -9.86 -19.13
CA ASP D 55 4.60 -10.28 -18.16
C ASP D 55 5.93 -10.70 -18.80
N ASP D 56 5.89 -11.43 -19.91
CA ASP D 56 7.10 -11.87 -20.61
C ASP D 56 7.71 -10.82 -21.53
N GLY D 57 7.01 -9.71 -21.76
CA GLY D 57 7.49 -8.64 -22.63
C GLY D 57 7.20 -8.83 -24.10
N GLY D 58 6.70 -10.00 -24.47
CA GLY D 58 6.44 -10.31 -25.86
C GLY D 58 5.26 -9.63 -26.50
N THR D 59 4.27 -9.22 -25.69
CA THR D 59 3.04 -8.61 -26.21
C THR D 59 2.81 -7.24 -25.64
N SER D 60 2.41 -6.30 -26.49
CA SER D 60 2.19 -4.95 -26.05
C SER D 60 1.05 -4.26 -26.78
N TYR D 61 0.46 -3.26 -26.13
CA TYR D 61 -0.65 -2.48 -26.69
C TYR D 61 -0.36 -1.01 -26.48
N TYR D 62 -0.90 -0.19 -27.36
CA TYR D 62 -0.70 1.25 -27.30
C TYR D 62 -1.99 1.97 -27.57
N ALA D 63 -2.09 3.20 -27.06
CA ALA D 63 -3.18 4.10 -27.39
C ALA D 63 -2.90 4.52 -28.87
N ASP D 64 -3.95 4.74 -29.66
CA ASP D 64 -3.79 5.05 -31.08
C ASP D 64 -2.99 6.31 -31.38
N SER D 65 -3.06 7.33 -30.52
CA SER D 65 -2.34 8.59 -30.69
C SER D 65 -0.81 8.46 -30.51
N VAL D 66 -0.35 7.41 -29.82
CA VAL D 66 1.09 7.21 -29.57
C VAL D 66 1.69 6.01 -30.37
N GLU D 67 0.84 5.29 -31.08
CA GLU D 67 1.17 4.14 -31.90
C GLU D 67 2.26 4.50 -32.92
N GLY D 68 3.38 3.80 -32.82
CA GLY D 68 4.51 3.96 -33.70
C GLY D 68 5.56 4.90 -33.14
N ARG D 69 5.15 5.85 -32.27
CA ARG D 69 6.05 6.83 -31.66
C ARG D 69 6.53 6.35 -30.31
N PHE D 70 5.68 5.59 -29.57
CA PHE D 70 6.05 5.08 -28.26
C PHE D 70 6.34 3.60 -28.36
N THR D 71 7.25 3.14 -27.54
CA THR D 71 7.61 1.75 -27.49
C THR D 71 7.81 1.36 -26.04
N VAL D 72 6.99 0.43 -25.56
CA VAL D 72 7.11 -0.05 -24.19
C VAL D 72 8.01 -1.29 -24.21
N SER D 73 8.82 -1.46 -23.17
CA SER D 73 9.70 -2.61 -23.06
C SER D 73 9.93 -2.88 -21.59
N ARG D 74 10.59 -3.99 -21.26
CA ARG D 74 10.84 -4.32 -19.85
C ARG D 74 12.05 -5.22 -19.74
N ASP D 75 12.71 -5.22 -18.57
CA ASP D 75 13.83 -6.09 -18.32
C ASP D 75 13.47 -6.77 -17.01
N ASN D 76 12.95 -8.00 -17.10
CA ASN D 76 12.52 -8.73 -15.91
C ASN D 76 13.64 -9.03 -14.94
N SER D 77 14.86 -9.31 -15.43
CA SER D 77 16.00 -9.58 -14.54
C SER D 77 16.42 -8.35 -13.72
N ARG D 78 15.99 -7.14 -14.13
CA ARG D 78 16.30 -5.90 -13.44
C ARG D 78 15.10 -5.23 -12.78
N SER D 79 13.88 -5.84 -12.90
CA SER D 79 12.63 -5.33 -12.37
C SER D 79 12.39 -3.92 -12.90
N SER D 80 12.60 -3.72 -14.22
CA SER D 80 12.44 -2.42 -14.80
C SER D 80 11.51 -2.41 -15.96
N LEU D 81 10.65 -1.40 -16.04
CA LEU D 81 9.71 -1.14 -17.13
C LEU D 81 10.19 0.15 -17.86
N TYR D 82 10.10 0.20 -19.20
CA TYR D 82 10.54 1.37 -19.95
C TYR D 82 9.47 1.87 -20.88
N LEU D 83 9.55 3.13 -21.24
CA LEU D 83 8.68 3.71 -22.26
C LEU D 83 9.56 4.66 -23.07
N GLN D 84 9.90 4.28 -24.30
CA GLN D 84 10.67 5.14 -25.19
C GLN D 84 9.64 6.00 -25.88
N ILE D 85 9.70 7.33 -25.70
CA ILE D 85 8.71 8.24 -26.30
C ILE D 85 9.41 9.12 -27.33
N ASN D 86 9.08 8.94 -28.59
CA ASN D 86 9.71 9.67 -29.71
C ASN D 86 8.71 10.59 -30.40
N ASN D 87 9.21 11.49 -31.29
CA ASN D 87 8.44 12.48 -32.07
C ASN D 87 7.44 13.22 -31.18
N LEU D 88 7.93 13.72 -30.04
CA LEU D 88 7.08 14.37 -29.05
C LEU D 88 6.40 15.63 -29.54
N ARG D 89 5.13 15.79 -29.19
CA ARG D 89 4.34 16.97 -29.54
C ARG D 89 3.77 17.59 -28.25
N ALA D 90 3.10 18.76 -28.34
CA ALA D 90 2.53 19.44 -27.18
C ALA D 90 1.55 18.57 -26.38
N GLY D 91 0.86 17.66 -27.06
CA GLY D 91 -0.07 16.73 -26.45
C GLY D 91 0.59 15.69 -25.56
N ASP D 92 1.91 15.49 -25.70
CA ASP D 92 2.63 14.53 -24.87
C ASP D 92 3.03 15.08 -23.51
N THR D 93 2.80 16.39 -23.23
CA THR D 93 3.15 16.98 -21.94
C THR D 93 2.19 16.40 -20.93
N ALA D 94 2.73 15.69 -19.91
CA ALA D 94 1.90 14.98 -18.91
C ALA D 94 2.78 14.41 -17.81
N VAL D 95 2.18 14.00 -16.67
CA VAL D 95 2.88 13.24 -15.66
C VAL D 95 2.67 11.79 -16.10
N TYR D 96 3.77 11.06 -16.34
CA TYR D 96 3.66 9.68 -16.79
C TYR D 96 3.82 8.74 -15.60
N HIS D 97 2.80 7.91 -15.34
CA HIS D 97 2.82 6.92 -14.28
C HIS D 97 2.99 5.54 -14.84
N CYS D 98 3.80 4.72 -14.19
CA CYS D 98 3.86 3.31 -14.53
C CYS D 98 2.94 2.61 -13.51
N ALA D 99 2.32 1.52 -13.93
CA ALA D 99 1.35 0.83 -13.08
C ALA D 99 1.41 -0.69 -13.24
N ARG D 100 1.08 -1.40 -12.20
CA ARG D 100 1.08 -2.86 -12.23
C ARG D 100 -0.34 -3.37 -12.49
N ASP D 101 -0.53 -4.19 -13.53
CA ASP D 101 -1.84 -4.75 -13.86
C ASP D 101 -2.27 -5.76 -12.83
N HIS D 102 -3.45 -5.53 -12.30
CA HIS D 102 -4.06 -6.39 -11.29
C HIS D 102 -4.78 -7.62 -11.92
N GLY D 103 -4.97 -7.65 -13.25
CA GLY D 103 -5.63 -8.75 -13.92
C GLY D 103 -4.85 -10.06 -13.85
N GLY D 104 -5.56 -11.19 -13.92
CA GLY D 104 -4.92 -12.50 -13.93
C GLY D 104 -5.32 -13.31 -15.14
N ASN D 105 -4.64 -14.44 -15.38
CA ASN D 105 -4.93 -15.31 -16.51
C ASN D 105 -6.22 -16.16 -16.37
N ASP D 106 -6.58 -16.63 -15.16
CA ASP D 106 -7.79 -17.41 -14.97
C ASP D 106 -9.04 -16.65 -15.41
N TYR D 107 -9.15 -15.35 -15.04
CA TYR D 107 -10.33 -14.57 -15.44
C TYR D 107 -10.09 -13.65 -16.63
N GLY D 108 -8.83 -13.40 -16.98
CA GLY D 108 -8.44 -12.50 -18.06
C GLY D 108 -8.83 -11.06 -17.84
N ASP D 109 -8.93 -10.63 -16.58
CA ASP D 109 -9.41 -9.29 -16.24
C ASP D 109 -8.32 -8.21 -16.26
N PHE D 110 -7.57 -8.14 -17.37
CA PHE D 110 -6.52 -7.16 -17.52
C PHE D 110 -7.08 -5.78 -17.76
N GLY D 111 -6.26 -4.77 -17.54
CA GLY D 111 -6.63 -3.40 -17.83
C GLY D 111 -6.85 -2.51 -16.64
N HIS D 112 -6.63 -3.01 -15.43
CA HIS D 112 -6.82 -2.21 -14.22
C HIS D 112 -5.62 -2.45 -13.32
N PHE D 113 -5.30 -1.48 -12.48
CA PHE D 113 -3.99 -1.42 -11.83
C PHE D 113 -4.03 -1.36 -10.31
N ASP D 114 -3.29 -2.22 -9.63
CA ASP D 114 -3.30 -2.25 -8.17
C ASP D 114 -2.07 -1.62 -7.50
N LEU D 115 -1.16 -1.08 -8.30
CA LEU D 115 0.08 -0.44 -7.85
C LEU D 115 0.41 0.61 -8.91
N TRP D 116 0.66 1.85 -8.48
CA TRP D 116 1.10 2.94 -9.35
C TRP D 116 2.33 3.60 -8.76
N GLY D 117 3.04 4.32 -9.59
CA GLY D 117 4.11 5.20 -9.13
C GLY D 117 3.59 6.64 -9.09
N ARG D 118 4.32 7.54 -8.43
CA ARG D 118 3.95 8.98 -8.34
C ARG D 118 4.04 9.68 -9.71
N GLY D 119 4.80 9.14 -10.64
CA GLY D 119 4.93 9.71 -11.98
C GLY D 119 6.17 10.58 -12.21
N THR D 120 6.49 10.82 -13.48
CA THR D 120 7.61 11.66 -13.89
C THR D 120 7.06 12.64 -14.93
N LEU D 121 7.27 13.94 -14.73
CA LEU D 121 6.75 14.95 -15.66
C LEU D 121 7.55 15.02 -16.95
N VAL D 122 6.87 15.08 -18.05
CA VAL D 122 7.49 15.28 -19.36
C VAL D 122 6.90 16.60 -19.87
N THR D 123 7.76 17.59 -20.15
CA THR D 123 7.27 18.86 -20.67
C THR D 123 7.86 19.12 -22.04
N VAL D 124 7.03 19.07 -23.07
CA VAL D 124 7.43 19.34 -24.45
C VAL D 124 7.28 20.85 -24.65
N SER D 125 8.39 21.54 -24.90
CA SER D 125 8.36 23.00 -25.02
C SER D 125 9.14 23.54 -26.21
N SER D 126 8.53 24.45 -27.02
CA SER D 126 9.19 25.13 -28.15
C SER D 126 8.64 26.54 -28.40
N GLY D 127 9.52 27.42 -28.90
CA GLY D 127 9.24 28.80 -29.30
C GLY D 127 8.61 29.73 -28.28
N THR D 128 7.46 30.32 -28.64
CA THR D 128 6.74 31.23 -27.74
C THR D 128 5.31 30.72 -27.48
N GLU D 147 -14.19 5.12 -28.43
CA GLU D 147 -13.83 5.01 -27.02
C GLU D 147 -15.05 5.12 -26.10
N ILE D 148 -15.01 4.47 -24.93
CA ILE D 148 -16.08 4.61 -23.95
C ILE D 148 -15.74 5.82 -23.10
N VAL D 149 -16.65 6.81 -23.00
CA VAL D 149 -16.43 8.02 -22.23
C VAL D 149 -17.03 7.89 -20.83
N LEU D 150 -16.25 8.18 -19.79
CA LEU D 150 -16.77 8.16 -18.43
C LEU D 150 -16.96 9.59 -17.94
N THR D 151 -18.09 9.85 -17.27
CA THR D 151 -18.41 11.15 -16.76
C THR D 151 -18.70 11.05 -15.27
N GLN D 152 -17.95 11.79 -14.46
CA GLN D 152 -18.13 11.79 -13.01
C GLN D 152 -18.88 13.00 -12.50
N SER D 153 -19.62 12.80 -11.40
CA SER D 153 -20.33 13.87 -10.74
C SER D 153 -20.43 13.57 -9.22
N PRO D 154 -20.29 14.58 -8.36
CA PRO D 154 -20.02 16.00 -8.69
C PRO D 154 -18.56 16.25 -9.09
N GLY D 155 -18.24 17.49 -9.46
CA GLY D 155 -16.86 17.84 -9.77
C GLY D 155 -16.07 18.00 -8.49
N THR D 156 -16.72 18.54 -7.44
CA THR D 156 -16.13 18.81 -6.11
C THR D 156 -17.14 18.53 -5.00
N LEU D 157 -16.67 17.98 -3.87
CA LEU D 157 -17.48 17.70 -2.68
C LEU D 157 -16.73 18.30 -1.50
N SER D 158 -17.37 19.19 -0.74
CA SER D 158 -16.70 19.79 0.42
C SER D 158 -17.36 19.22 1.66
N LEU D 159 -16.64 18.37 2.38
CA LEU D 159 -17.20 17.70 3.55
C LEU D 159 -16.27 17.76 4.76
N SER D 160 -16.79 17.44 5.94
CA SER D 160 -16.03 17.43 7.19
C SER D 160 -15.66 16.01 7.58
N PRO D 161 -14.57 15.80 8.34
CA PRO D 161 -14.24 14.44 8.79
C PRO D 161 -15.38 13.81 9.61
N GLY D 162 -15.59 12.52 9.41
CA GLY D 162 -16.68 11.80 10.06
C GLY D 162 -17.95 11.72 9.23
N GLU D 163 -18.00 12.42 8.09
CA GLU D 163 -19.18 12.41 7.22
C GLU D 163 -19.06 11.43 6.04
N GLY D 164 -20.16 11.18 5.35
CA GLY D 164 -20.18 10.28 4.21
C GLY D 164 -20.17 11.00 2.88
N ALA D 165 -19.77 10.30 1.80
CA ALA D 165 -19.71 10.83 0.43
C ALA D 165 -20.20 9.82 -0.58
N THR D 166 -20.95 10.28 -1.60
CA THR D 166 -21.48 9.43 -2.66
C THR D 166 -21.00 10.02 -4.00
N LEU D 167 -20.16 9.27 -4.73
CA LEU D 167 -19.56 9.71 -5.98
C LEU D 167 -20.14 8.91 -7.14
N SER D 168 -20.47 9.57 -8.26
CA SER D 168 -21.07 8.88 -9.40
C SER D 168 -20.14 8.78 -10.61
N CYS D 169 -20.26 7.71 -11.37
CA CYS D 169 -19.48 7.50 -12.58
C CYS D 169 -20.45 6.95 -13.63
N ARG D 170 -20.63 7.68 -14.73
CA ARG D 170 -21.55 7.28 -15.80
C ARG D 170 -20.80 6.96 -17.10
N ALA D 171 -21.13 5.85 -17.78
CA ALA D 171 -20.46 5.51 -19.02
C ALA D 171 -21.31 5.75 -20.28
N SER D 172 -20.64 6.08 -21.40
CA SER D 172 -21.33 6.31 -22.68
C SER D 172 -21.91 5.02 -23.33
N GLN D 173 -21.52 3.86 -22.83
CA GLN D 173 -22.02 2.57 -23.22
C GLN D 173 -21.77 1.59 -22.07
N ARG D 174 -22.52 0.48 -22.05
CA ARG D 174 -22.46 -0.55 -21.02
C ARG D 174 -21.03 -1.00 -20.72
N VAL D 175 -20.70 -1.11 -19.42
CA VAL D 175 -19.38 -1.55 -19.02
C VAL D 175 -19.39 -3.06 -18.98
N SER D 176 -18.72 -3.66 -19.95
CA SER D 176 -18.61 -5.09 -20.12
C SER D 176 -18.05 -5.77 -18.89
N ASN D 177 -18.78 -6.78 -18.41
CA ASN D 177 -18.44 -7.59 -17.23
C ASN D 177 -18.41 -6.83 -15.92
N ASN D 178 -18.99 -5.60 -15.89
CA ASN D 178 -18.93 -4.75 -14.70
C ASN D 178 -17.46 -4.45 -14.33
N TYR D 179 -16.58 -4.40 -15.32
CA TYR D 179 -15.19 -4.12 -15.09
C TYR D 179 -15.02 -2.62 -14.93
N LEU D 180 -15.33 -2.15 -13.71
CA LEU D 180 -15.21 -0.75 -13.34
C LEU D 180 -14.41 -0.68 -12.08
N ALA D 181 -13.36 0.16 -12.08
CA ALA D 181 -12.47 0.35 -10.97
C ALA D 181 -12.53 1.79 -10.45
N TRP D 182 -12.26 1.96 -9.15
CA TRP D 182 -12.18 3.28 -8.53
C TRP D 182 -10.78 3.44 -7.94
N TYR D 183 -10.22 4.61 -8.13
CA TYR D 183 -8.90 4.93 -7.63
C TYR D 183 -8.96 6.20 -6.80
N GLN D 184 -8.03 6.31 -5.86
CA GLN D 184 -7.87 7.46 -5.00
C GLN D 184 -6.51 8.13 -5.34
N HIS D 185 -6.49 9.45 -5.58
CA HIS D 185 -5.24 10.14 -5.89
C HIS D 185 -5.02 11.27 -4.90
N ARG D 186 -4.19 11.05 -3.89
CA ARG D 186 -3.87 12.07 -2.91
C ARG D 186 -2.77 12.99 -3.52
N PRO D 187 -2.78 14.29 -3.19
CA PRO D 187 -1.82 15.24 -3.81
C PRO D 187 -0.35 14.83 -3.80
N GLY D 188 0.25 14.74 -4.98
CA GLY D 188 1.66 14.37 -5.09
C GLY D 188 1.98 12.90 -4.87
N GLN D 189 0.98 12.11 -4.44
CA GLN D 189 1.15 10.69 -4.14
C GLN D 189 0.75 9.82 -5.30
N ALA D 190 1.21 8.58 -5.30
CA ALA D 190 0.82 7.59 -6.27
C ALA D 190 -0.68 7.31 -6.16
N PRO D 191 -1.38 7.19 -7.29
CA PRO D 191 -2.78 6.74 -7.22
C PRO D 191 -2.87 5.35 -6.57
N ARG D 192 -4.06 5.05 -6.07
CA ARG D 192 -4.27 3.86 -5.28
C ARG D 192 -5.54 3.19 -5.68
N LEU D 193 -5.49 1.88 -5.94
CA LEU D 193 -6.70 1.16 -6.32
C LEU D 193 -7.57 0.95 -5.09
N LEU D 194 -8.84 1.35 -5.17
CA LEU D 194 -9.77 1.13 -4.06
C LEU D 194 -10.70 -0.04 -4.38
N ILE D 195 -11.40 0.01 -5.55
CA ILE D 195 -12.42 -0.95 -5.92
C ILE D 195 -12.15 -1.47 -7.31
N TYR D 196 -12.46 -2.73 -7.57
CA TYR D 196 -12.38 -3.34 -8.91
C TYR D 196 -13.62 -4.22 -9.13
N GLY D 197 -13.94 -4.52 -10.39
CA GLY D 197 -15.09 -5.35 -10.71
C GLY D 197 -16.39 -4.76 -10.18
N ALA D 198 -16.42 -3.41 -10.05
CA ALA D 198 -17.50 -2.55 -9.60
C ALA D 198 -17.81 -2.65 -8.12
N SER D 199 -17.50 -3.79 -7.46
CA SER D 199 -17.81 -3.87 -6.03
C SER D 199 -16.79 -4.59 -5.17
N SER D 200 -15.71 -5.12 -5.75
CA SER D 200 -14.70 -5.81 -4.92
C SER D 200 -13.66 -4.84 -4.37
N ARG D 201 -13.43 -4.84 -3.05
CA ARG D 201 -12.43 -3.98 -2.43
C ARG D 201 -11.07 -4.59 -2.66
N ALA D 202 -10.09 -3.76 -3.01
CA ALA D 202 -8.71 -4.23 -3.21
C ALA D 202 -8.08 -4.50 -1.85
N THR D 203 -7.00 -5.30 -1.83
CA THR D 203 -6.32 -5.66 -0.59
C THR D 203 -5.86 -4.42 0.19
N GLY D 204 -6.19 -4.38 1.48
CA GLY D 204 -5.81 -3.29 2.37
C GLY D 204 -6.79 -2.13 2.42
N ILE D 205 -7.75 -2.10 1.50
CA ILE D 205 -8.73 -1.01 1.47
C ILE D 205 -9.81 -1.18 2.54
N PRO D 206 -9.96 -0.17 3.42
CA PRO D 206 -10.97 -0.26 4.49
C PRO D 206 -12.42 -0.32 4.00
N ASP D 207 -13.24 -0.97 4.82
CA ASP D 207 -14.66 -1.24 4.62
C ASP D 207 -15.50 0.00 4.37
N ARG D 208 -15.02 1.18 4.82
CA ARG D 208 -15.74 2.45 4.61
C ARG D 208 -15.83 2.83 3.11
N PHE D 209 -15.03 2.20 2.23
CA PHE D 209 -15.12 2.41 0.77
C PHE D 209 -15.99 1.27 0.21
N ARG D 210 -17.07 1.62 -0.47
CA ARG D 210 -17.99 0.64 -1.00
C ARG D 210 -18.42 0.97 -2.45
N GLY D 211 -18.19 0.06 -3.37
CA GLY D 211 -18.57 0.24 -4.76
C GLY D 211 -19.83 -0.50 -5.13
N SER D 212 -20.65 0.08 -6.02
CA SER D 212 -21.90 -0.53 -6.48
C SER D 212 -22.29 -0.06 -7.89
N GLY D 213 -23.28 -0.72 -8.49
CA GLY D 213 -23.76 -0.36 -9.82
C GLY D 213 -23.47 -1.41 -10.88
N SER D 214 -23.90 -1.12 -12.10
CA SER D 214 -23.78 -1.98 -13.27
C SER D 214 -24.27 -1.25 -14.53
N GLY D 215 -23.99 -1.82 -15.69
CA GLY D 215 -24.42 -1.25 -16.95
C GLY D 215 -23.66 0.03 -17.26
N THR D 216 -24.33 1.17 -17.11
CA THR D 216 -23.69 2.45 -17.38
C THR D 216 -23.67 3.38 -16.16
N ASP D 217 -24.08 2.89 -14.96
CA ASP D 217 -24.19 3.75 -13.79
C ASP D 217 -23.56 3.13 -12.60
N PHE D 218 -22.46 3.73 -12.13
CA PHE D 218 -21.69 3.19 -11.02
C PHE D 218 -21.53 4.21 -9.89
N THR D 219 -21.37 3.75 -8.64
CA THR D 219 -21.23 4.61 -7.48
C THR D 219 -20.16 4.17 -6.48
N LEU D 220 -19.44 5.14 -5.91
CA LEU D 220 -18.48 4.89 -4.83
C LEU D 220 -19.03 5.60 -3.58
N THR D 221 -19.21 4.86 -2.50
CA THR D 221 -19.66 5.42 -1.24
C THR D 221 -18.53 5.39 -0.23
N ILE D 222 -18.23 6.52 0.40
CA ILE D 222 -17.22 6.57 1.43
C ILE D 222 -17.94 6.96 2.70
N SER D 223 -18.12 6.03 3.63
CA SER D 223 -18.72 6.35 4.92
C SER D 223 -17.55 6.78 5.88
N ARG D 224 -17.84 7.58 6.91
CA ARG D 224 -16.82 8.05 7.89
C ARG D 224 -15.50 8.64 7.29
N LEU D 225 -15.55 9.78 6.58
CA LEU D 225 -14.36 10.41 5.99
C LEU D 225 -13.26 10.69 7.00
N GLU D 226 -12.08 10.21 6.70
CA GLU D 226 -10.88 10.48 7.51
C GLU D 226 -10.08 11.60 6.82
N PRO D 227 -9.14 12.30 7.51
CA PRO D 227 -8.40 13.39 6.84
C PRO D 227 -7.64 12.99 5.57
N GLU D 228 -7.09 11.77 5.54
CA GLU D 228 -6.40 11.22 4.37
C GLU D 228 -7.35 10.88 3.23
N ASP D 229 -8.65 10.81 3.49
CA ASP D 229 -9.65 10.54 2.45
C ASP D 229 -9.91 11.77 1.57
N PHE D 230 -9.29 12.92 1.84
CA PHE D 230 -9.48 14.09 1.01
C PHE D 230 -8.47 14.00 -0.10
N ALA D 231 -8.98 13.69 -1.31
CA ALA D 231 -8.19 13.37 -2.51
C ALA D 231 -9.08 13.51 -3.80
N VAL D 232 -8.51 13.27 -5.01
CA VAL D 232 -9.29 13.20 -6.23
C VAL D 232 -9.64 11.68 -6.42
N TYR D 233 -10.91 11.38 -6.69
CA TYR D 233 -11.33 9.99 -6.88
C TYR D 233 -11.70 9.85 -8.32
N PHE D 234 -11.07 8.89 -9.03
CA PHE D 234 -11.38 8.71 -10.44
C PHE D 234 -11.78 7.24 -10.78
N CYS D 235 -12.70 7.07 -11.72
CA CYS D 235 -13.18 5.76 -12.14
C CYS D 235 -12.56 5.35 -13.48
N GLN D 236 -12.63 4.07 -13.79
CA GLN D 236 -12.05 3.54 -15.02
C GLN D 236 -12.84 2.34 -15.44
N GLN D 237 -13.11 2.22 -16.73
CA GLN D 237 -13.74 1.01 -17.26
C GLN D 237 -12.61 0.25 -17.93
N TYR D 238 -12.53 -1.04 -17.64
CA TYR D 238 -11.52 -1.89 -18.28
C TYR D 238 -12.17 -3.15 -18.89
N GLY D 239 -13.46 -3.09 -19.23
CA GLY D 239 -14.13 -4.25 -19.81
C GLY D 239 -13.92 -4.37 -21.29
N SER D 240 -13.67 -3.24 -21.95
CA SER D 240 -13.52 -3.19 -23.37
C SER D 240 -12.15 -3.66 -23.79
N ALA D 241 -12.00 -3.84 -25.11
CA ALA D 241 -10.72 -4.02 -25.79
C ALA D 241 -9.99 -2.65 -25.59
N PRO D 242 -8.64 -2.56 -25.65
CA PRO D 242 -8.01 -1.24 -25.53
C PRO D 242 -8.56 -0.25 -26.56
N PRO D 243 -8.77 1.01 -26.17
CA PRO D 243 -8.30 1.62 -24.90
C PRO D 243 -9.23 1.50 -23.69
N TRP D 244 -8.61 1.39 -22.52
CA TRP D 244 -9.34 1.43 -21.26
C TRP D 244 -9.38 2.91 -20.89
N THR D 245 -10.57 3.40 -20.52
CA THR D 245 -10.73 4.84 -20.31
C THR D 245 -11.07 5.20 -18.90
N PHE D 246 -10.79 6.45 -18.54
CA PHE D 246 -10.97 6.94 -17.18
C PHE D 246 -11.90 8.13 -17.13
N GLY D 247 -12.55 8.30 -15.99
CA GLY D 247 -13.36 9.47 -15.70
C GLY D 247 -12.45 10.66 -15.38
N GLN D 248 -12.96 11.88 -15.50
CA GLN D 248 -12.15 13.09 -15.24
C GLN D 248 -11.86 13.33 -13.75
N GLY D 249 -12.56 12.64 -12.85
CA GLY D 249 -12.34 12.77 -11.41
C GLY D 249 -13.29 13.65 -10.62
N THR D 250 -13.42 13.35 -9.33
CA THR D 250 -14.24 14.11 -8.39
C THR D 250 -13.32 14.45 -7.25
N LYS D 251 -13.14 15.74 -6.99
CA LYS D 251 -12.24 16.19 -5.93
C LYS D 251 -13.00 16.26 -4.62
N VAL D 252 -12.54 15.55 -3.58
CA VAL D 252 -13.20 15.57 -2.28
C VAL D 252 -12.32 16.38 -1.34
N GLU D 253 -12.79 17.56 -0.90
CA GLU D 253 -12.00 18.42 -0.04
C GLU D 253 -12.56 18.57 1.38
N ILE D 254 -11.67 18.89 2.33
CA ILE D 254 -11.94 19.05 3.76
C ILE D 254 -12.68 20.36 4.14
N LYS D 255 -13.26 20.40 5.35
CA LYS D 255 -13.98 21.57 5.86
C LYS D 255 -13.64 21.81 7.34
C1 GOL E . -38.85 -25.57 -23.33
O1 GOL E . -38.27 -24.66 -24.26
C2 GOL E . -37.81 -26.24 -22.47
O2 GOL E . -38.30 -26.40 -21.13
C3 GOL E . -37.37 -27.58 -23.02
O3 GOL E . -36.81 -27.44 -24.32
S SO4 F . -17.81 -5.17 -28.44
O1 SO4 F . -16.85 -5.69 -29.43
O2 SO4 F . -18.77 -6.20 -28.07
O3 SO4 F . -17.14 -4.75 -27.19
O4 SO4 F . -18.55 -4.01 -29.00
S SO4 G . 14.85 27.53 21.32
O1 SO4 G . 15.01 26.52 22.39
O2 SO4 G . 15.12 28.86 21.89
O3 SO4 G . 15.92 27.41 20.32
O4 SO4 G . 13.58 27.57 20.58
S SO4 H . 4.56 -11.55 -5.59
O1 SO4 H . 4.13 -12.64 -4.70
O2 SO4 H . 5.93 -11.14 -5.22
O3 SO4 H . 4.53 -12.06 -6.97
O4 SO4 H . 3.60 -10.43 -5.50
#